data_6AZS
#
_entry.id   6AZS
#
_cell.length_a   62.067
_cell.length_b   122.244
_cell.length_c   136.061
_cell.angle_alpha   90.00
_cell.angle_beta   90.00
_cell.angle_gamma   90.00
#
_symmetry.space_group_name_H-M   'P 2 21 21'
#
loop_
_entity.id
_entity.type
_entity.pdbx_description
1 polymer 'Putative amidase'
2 non-polymer 2-[BIS-(2-HYDROXY-ETHYL)-AMINO]-2-HYDROXYMETHYL-PROPANE-1,3-DIOL
3 non-polymer GLYCEROL
4 non-polymer 'CHLORIDE ION'
5 non-polymer 'N-formyl-D-aspartic acid'
6 non-polymer DI(HYDROXYETHYL)ETHER
7 water water
#
_entity_poly.entity_id   1
_entity_poly.type   'polypeptide(L)'
_entity_poly.pdbx_seq_one_letter_code
;MGSSHHHHHHSSGLVPRGSHMDAMVETNRHFIDADPYPWPYNGALRPDNTALIIIDMQTDFCGKGGYVDHMGYDLSLVQA
PIEPIKRVLAAMRAKGYHIIHTREGHRPDLADLPANKRWRSQRIGAGIGDPGPCGRILTRGEPGWDIIPELYPIEGETII
DAPGKGSFCATDLELVLNQKRIENIILTGITTDVCVSTTMREANDRGYECLLLEDCCGATDYGNHLAAIKMVKMQGGVFG
SVSNSAALVEALPGLVPRGSIE
;
_entity_poly.pdbx_strand_id   A,B,C,D
#
loop_
_chem_comp.id
_chem_comp.type
_chem_comp.name
_chem_comp.formula
BTB non-polymer 2-[BIS-(2-HYDROXY-ETHYL)-AMINO]-2-HYDROXYMETHYL-PROPANE-1,3-DIOL 'C8 H19 N O5'
C5S non-polymer 'N-formyl-D-aspartic acid' 'C5 H7 N O5'
CL non-polymer 'CHLORIDE ION' 'Cl -1'
GOL non-polymer GLYCEROL 'C3 H8 O3'
PEG non-polymer DI(HYDROXYETHYL)ETHER 'C4 H10 O3'
#
# COMPACT_ATOMS: atom_id res chain seq x y z
N MET A 24 38.17 -22.32 18.98
CA MET A 24 36.91 -21.96 19.72
C MET A 24 35.67 -22.40 18.91
N VAL A 25 34.59 -22.77 19.61
CA VAL A 25 33.27 -23.00 18.94
C VAL A 25 32.84 -21.68 18.32
N GLU A 26 32.52 -21.70 17.03
N GLU A 26 32.51 -21.70 17.03
CA GLU A 26 32.09 -20.48 16.34
CA GLU A 26 32.08 -20.49 16.34
C GLU A 26 30.64 -20.70 15.90
C GLU A 26 30.64 -20.70 15.90
N THR A 27 29.92 -19.59 15.80
CA THR A 27 28.52 -19.61 15.38
C THR A 27 28.32 -18.50 14.38
N ASN A 28 27.43 -18.70 13.42
CA ASN A 28 27.01 -17.58 12.65
C ASN A 28 25.80 -16.89 13.23
N ARG A 29 25.30 -17.28 14.40
N ARG A 29 25.30 -17.28 14.40
CA ARG A 29 24.22 -16.48 15.04
CA ARG A 29 24.25 -16.46 15.05
C ARG A 29 24.91 -15.40 15.84
C ARG A 29 24.93 -15.39 15.84
N HIS A 30 24.42 -14.16 15.80
CA HIS A 30 25.00 -13.06 16.49
C HIS A 30 23.88 -12.21 17.04
N PHE A 31 24.09 -11.75 18.28
CA PHE A 31 23.11 -10.93 18.96
C PHE A 31 23.76 -9.66 19.48
N ILE A 32 22.91 -8.64 19.61
CA ILE A 32 23.20 -7.41 20.33
C ILE A 32 22.46 -7.44 21.64
N ASP A 33 23.16 -7.09 22.73
CA ASP A 33 22.52 -7.04 24.03
C ASP A 33 21.44 -5.93 23.91
N ALA A 34 20.23 -6.32 24.28
CA ALA A 34 19.09 -5.45 24.07
C ALA A 34 17.98 -5.82 25.04
N ASP A 35 17.01 -4.91 25.17
CA ASP A 35 15.95 -5.00 26.14
C ASP A 35 14.62 -4.89 25.33
N PRO A 36 13.74 -5.89 25.36
CA PRO A 36 13.69 -6.94 26.36
C PRO A 36 14.27 -8.26 25.93
N TYR A 37 14.80 -8.36 24.72
CA TYR A 37 15.39 -9.62 24.26
C TYR A 37 16.62 -9.37 23.42
N PRO A 38 17.55 -10.34 23.37
CA PRO A 38 18.74 -10.12 22.51
C PRO A 38 18.38 -10.07 21.04
N TRP A 39 18.95 -9.14 20.32
CA TRP A 39 18.44 -8.78 18.99
C TRP A 39 19.45 -9.09 17.91
N PRO A 40 19.01 -9.50 16.72
CA PRO A 40 17.66 -9.82 16.33
C PRO A 40 17.19 -11.13 16.96
N TYR A 41 15.89 -11.37 16.98
CA TYR A 41 15.32 -12.49 17.74
C TYR A 41 15.98 -13.84 17.41
N ASN A 42 16.29 -14.03 16.15
CA ASN A 42 16.85 -15.28 15.63
C ASN A 42 18.36 -15.27 15.40
N GLY A 43 19.04 -14.19 15.77
CA GLY A 43 20.47 -14.10 15.60
C GLY A 43 20.99 -14.01 14.18
N ALA A 44 20.10 -13.77 13.19
CA ALA A 44 20.49 -13.70 11.81
C ALA A 44 20.89 -12.28 11.43
N LEU A 45 22.05 -11.86 11.93
CA LEU A 45 22.55 -10.55 11.82
C LEU A 45 23.76 -10.48 10.90
N ARG A 46 23.55 -9.98 9.70
CA ARG A 46 24.56 -9.91 8.67
C ARG A 46 24.50 -8.59 7.91
N PRO A 47 25.61 -8.18 7.30
CA PRO A 47 25.56 -7.01 6.45
C PRO A 47 24.51 -7.06 5.34
N ASP A 48 24.31 -8.23 4.74
CA ASP A 48 23.43 -8.32 3.59
C ASP A 48 21.94 -8.24 3.94
N ASN A 49 21.57 -8.47 5.19
CA ASN A 49 20.14 -8.50 5.55
C ASN A 49 19.75 -7.45 6.58
N THR A 50 20.64 -6.50 6.84
CA THR A 50 20.46 -5.53 7.91
C THR A 50 20.73 -4.14 7.43
N ALA A 51 19.83 -3.22 7.77
CA ALA A 51 19.98 -1.81 7.45
C ALA A 51 19.94 -0.94 8.66
N LEU A 52 20.78 0.09 8.66
CA LEU A 52 20.60 1.24 9.50
C LEU A 52 19.67 2.19 8.79
N ILE A 53 18.70 2.76 9.51
CA ILE A 53 17.91 3.88 8.98
C ILE A 53 18.12 5.08 9.87
N ILE A 54 18.49 6.21 9.24
CA ILE A 54 18.65 7.47 9.94
C ILE A 54 17.50 8.38 9.53
N ILE A 55 16.63 8.63 10.48
CA ILE A 55 15.36 9.32 10.21
C ILE A 55 15.44 10.82 10.47
N ASP A 56 15.25 11.59 9.41
CA ASP A 56 14.91 12.99 9.49
C ASP A 56 15.92 13.89 10.25
N MET A 57 17.22 13.59 10.09
CA MET A 57 18.25 14.43 10.69
C MET A 57 18.53 15.64 9.79
N GLN A 58 17.54 16.51 9.74
CA GLN A 58 17.46 17.64 8.80
C GLN A 58 17.65 18.94 9.55
N THR A 59 18.17 19.95 8.90
CA THR A 59 18.35 21.25 9.54
C THR A 59 17.04 21.78 10.14
N ASP A 60 15.94 21.68 9.38
N ASP A 60 15.96 21.79 9.41
CA ASP A 60 14.49 21.68 9.85
CA ASP A 60 14.88 22.67 9.95
C ASP A 60 14.19 20.90 11.14
C ASP A 60 14.60 22.10 11.44
N PHE A 61 14.80 19.78 11.44
N PHE A 61 14.74 20.75 11.61
CA PHE A 61 14.42 19.14 12.74
CA PHE A 61 14.41 19.95 12.78
C PHE A 61 15.46 19.44 13.85
C PHE A 61 15.42 19.71 13.90
N CYS A 62 16.70 19.87 13.57
CA CYS A 62 17.74 19.85 14.61
C CYS A 62 18.78 20.93 14.49
N GLY A 63 18.63 21.84 13.54
CA GLY A 63 19.58 22.93 13.33
C GLY A 63 18.83 24.32 13.54
N LYS A 64 19.61 25.31 13.74
CA LYS A 64 19.24 26.76 14.02
C LYS A 64 18.57 27.73 13.04
N GLY A 65 17.23 27.67 12.72
N GLY A 65 17.91 27.18 12.10
CA GLY A 65 16.56 28.41 11.63
CA GLY A 65 16.99 28.07 11.49
C GLY A 65 15.49 27.43 11.05
C GLY A 65 15.72 27.49 11.95
N GLY A 66 15.41 26.18 11.52
N GLY A 66 15.41 26.39 11.29
CA GLY A 66 14.43 25.23 10.91
CA GLY A 66 14.05 26.05 10.90
C GLY A 66 13.12 25.24 11.66
C GLY A 66 12.94 25.52 11.81
N TYR A 67 12.06 24.68 11.14
CA TYR A 67 10.73 24.36 11.62
C TYR A 67 10.69 23.98 13.08
N VAL A 68 11.56 23.04 13.54
CA VAL A 68 11.53 22.72 14.97
C VAL A 68 12.00 23.91 15.82
N ASP A 69 13.03 24.58 15.32
N ASP A 69 13.04 24.58 15.33
CA ASP A 69 13.54 25.78 16.01
CA ASP A 69 13.54 25.79 15.99
C ASP A 69 12.46 26.85 16.00
C ASP A 69 12.46 26.85 16.00
N HIS A 70 11.84 27.07 14.87
CA HIS A 70 10.69 28.02 14.72
C HIS A 70 9.53 27.78 15.71
N MET A 71 9.26 26.51 16.01
CA MET A 71 8.21 26.17 16.99
C MET A 71 8.62 26.39 18.46
N GLY A 72 9.88 26.72 18.71
CA GLY A 72 10.35 27.09 20.05
C GLY A 72 10.94 25.95 20.83
N TYR A 73 11.08 24.77 20.23
CA TYR A 73 11.55 23.64 20.98
C TYR A 73 13.04 23.73 21.31
N ASP A 74 13.48 22.96 22.29
CA ASP A 74 14.89 22.98 22.73
C ASP A 74 15.70 22.13 21.76
N LEU A 75 16.56 22.79 20.96
CA LEU A 75 17.37 22.01 20.04
C LEU A 75 18.33 21.04 20.67
N SER A 76 18.77 21.25 21.90
CA SER A 76 19.75 20.33 22.50
C SER A 76 19.22 18.89 22.58
N LEU A 77 17.90 18.72 22.75
CA LEU A 77 17.35 17.38 22.84
C LEU A 77 17.43 16.59 21.52
N VAL A 78 17.31 17.30 20.40
CA VAL A 78 17.39 16.68 19.09
C VAL A 78 18.78 16.70 18.49
N GLN A 79 19.71 17.48 19.07
CA GLN A 79 21.12 17.40 18.71
C GLN A 79 21.90 16.35 19.45
N ALA A 80 21.43 15.98 20.64
CA ALA A 80 22.11 14.96 21.44
C ALA A 80 22.41 13.67 20.67
N PRO A 81 21.47 13.20 19.83
CA PRO A 81 21.81 11.95 19.11
C PRO A 81 22.80 12.04 17.98
N ILE A 82 23.24 13.23 17.59
CA ILE A 82 24.11 13.34 16.41
C ILE A 82 25.41 12.53 16.56
N GLU A 83 26.14 12.74 17.65
CA GLU A 83 27.43 12.03 17.80
C GLU A 83 27.26 10.50 17.91
N PRO A 84 26.29 10.00 18.71
CA PRO A 84 26.06 8.53 18.72
C PRO A 84 25.65 8.00 17.34
N ILE A 85 24.81 8.72 16.61
CA ILE A 85 24.45 8.27 15.25
C ILE A 85 25.70 8.21 14.38
N LYS A 86 26.54 9.26 14.46
CA LYS A 86 27.73 9.27 13.63
C LYS A 86 28.61 8.07 13.89
N ARG A 87 28.74 7.66 15.16
N ARG A 87 28.74 7.66 15.16
CA ARG A 87 29.54 6.47 15.50
CA ARG A 87 29.54 6.47 15.50
C ARG A 87 28.95 5.18 14.92
C ARG A 87 28.95 5.18 14.92
N VAL A 88 27.64 5.04 15.02
CA VAL A 88 26.98 3.87 14.45
C VAL A 88 27.10 3.84 12.93
N LEU A 89 26.87 4.99 12.31
CA LEU A 89 26.98 5.15 10.88
C LEU A 89 28.38 4.79 10.38
N ALA A 90 29.40 5.28 11.07
CA ALA A 90 30.77 4.96 10.64
C ALA A 90 31.06 3.48 10.74
N ALA A 91 30.61 2.85 11.83
CA ALA A 91 30.84 1.44 12.06
C ALA A 91 30.12 0.58 11.03
N MET A 92 28.89 0.93 10.73
CA MET A 92 28.09 0.16 9.79
C MET A 92 28.54 0.34 8.35
N ARG A 93 28.99 1.54 8.00
CA ARG A 93 29.61 1.77 6.70
C ARG A 93 30.86 0.92 6.54
N ALA A 94 31.69 0.93 7.55
CA ALA A 94 32.97 0.19 7.48
C ALA A 94 32.76 -1.31 7.29
N LYS A 95 31.68 -1.87 7.86
CA LYS A 95 31.39 -3.29 7.75
C LYS A 95 30.40 -3.67 6.64
N GLY A 96 30.05 -2.69 5.81
CA GLY A 96 29.31 -2.91 4.59
C GLY A 96 27.82 -3.20 4.77
N TYR A 97 27.25 -2.70 5.85
CA TYR A 97 25.80 -2.81 6.10
C TYR A 97 25.05 -1.87 5.17
N HIS A 98 23.78 -2.16 4.92
CA HIS A 98 22.92 -1.26 4.19
C HIS A 98 22.65 -0.02 5.03
N ILE A 99 22.67 1.14 4.40
CA ILE A 99 22.41 2.40 5.06
C ILE A 99 21.30 3.10 4.31
N ILE A 100 20.25 3.50 5.05
CA ILE A 100 19.10 4.20 4.48
C ILE A 100 18.90 5.49 5.28
N HIS A 101 18.50 6.56 4.60
CA HIS A 101 18.22 7.82 5.23
C HIS A 101 16.84 8.26 4.83
N THR A 102 16.14 8.99 5.72
CA THR A 102 14.86 9.56 5.35
C THR A 102 14.82 11.06 5.59
N ARG A 103 14.01 11.76 4.80
CA ARG A 103 13.75 13.20 4.96
C ARG A 103 12.25 13.45 4.90
N GLU A 104 11.69 14.09 5.92
CA GLU A 104 10.31 14.53 5.84
C GLU A 104 10.25 15.78 4.99
N GLY A 105 9.33 15.81 4.03
CA GLY A 105 9.20 17.00 3.23
C GLY A 105 8.19 16.85 2.15
N HIS A 106 7.91 17.98 1.49
CA HIS A 106 6.86 18.06 0.49
C HIS A 106 7.37 18.54 -0.83
N ARG A 107 6.75 18.03 -1.90
CA ARG A 107 6.94 18.57 -3.24
C ARG A 107 6.78 20.10 -3.17
N PRO A 108 7.58 20.84 -3.94
CA PRO A 108 7.44 22.31 -3.91
C PRO A 108 6.09 22.88 -4.27
N ASP A 109 5.28 22.16 -5.06
CA ASP A 109 3.92 22.62 -5.32
C ASP A 109 2.89 22.17 -4.26
N LEU A 110 3.39 21.47 -3.24
CA LEU A 110 2.59 21.04 -2.08
C LEU A 110 1.46 20.08 -2.46
N ALA A 111 1.64 19.36 -3.55
CA ALA A 111 0.56 18.44 -3.99
C ALA A 111 0.35 17.24 -3.05
N ASP A 112 1.39 16.89 -2.34
CA ASP A 112 1.43 15.79 -1.35
C ASP A 112 1.20 16.24 0.08
N LEU A 113 0.66 17.43 0.28
CA LEU A 113 0.49 18.01 1.63
C LEU A 113 -0.96 18.01 2.05
N PRO A 114 -1.33 17.15 3.02
CA PRO A 114 -2.71 17.17 3.48
C PRO A 114 -3.10 18.53 4.08
N ALA A 115 -4.35 18.90 3.85
CA ALA A 115 -4.83 20.19 4.32
C ALA A 115 -4.73 20.35 5.85
N ASN A 116 -5.03 19.30 6.58
CA ASN A 116 -4.97 19.39 8.04
C ASN A 116 -3.52 19.57 8.52
N LYS A 117 -2.59 18.84 7.93
CA LYS A 117 -1.19 19.00 8.24
C LYS A 117 -0.72 20.46 8.02
N ARG A 118 -1.09 21.00 6.89
CA ARG A 118 -0.73 22.38 6.58
C ARG A 118 -1.34 23.35 7.61
N TRP A 119 -2.62 23.21 7.86
CA TRP A 119 -3.34 24.12 8.78
C TRP A 119 -2.71 24.13 10.17
N ARG A 120 -2.37 22.95 10.68
CA ARG A 120 -1.78 22.87 12.01
C ARG A 120 -0.44 23.60 12.07
N SER A 121 0.36 23.44 11.02
CA SER A 121 1.69 24.02 10.96
C SER A 121 1.56 25.57 10.89
N GLN A 122 0.58 26.02 10.16
CA GLN A 122 0.30 27.50 10.06
C GLN A 122 -0.11 28.07 11.41
N ARG A 123 -0.94 27.33 12.12
N ARG A 123 -0.94 27.33 12.12
CA ARG A 123 -1.51 27.78 13.38
CA ARG A 123 -1.52 27.78 13.37
C ARG A 123 -0.45 28.00 14.45
C ARG A 123 -0.45 28.00 14.45
N ILE A 124 0.61 27.19 14.44
CA ILE A 124 1.71 27.33 15.38
C ILE A 124 2.85 28.25 14.87
N GLY A 125 2.68 28.88 13.72
CA GLY A 125 3.66 29.80 13.18
C GLY A 125 4.83 29.19 12.47
N ALA A 126 4.66 28.00 11.90
CA ALA A 126 5.74 27.32 11.16
C ALA A 126 5.12 26.62 9.96
N GLY A 127 4.44 27.42 9.15
CA GLY A 127 3.62 26.90 8.06
C GLY A 127 4.46 26.18 7.01
N ILE A 128 4.06 24.96 6.68
CA ILE A 128 4.76 24.19 5.66
C ILE A 128 4.65 24.92 4.31
N GLY A 129 5.82 25.10 3.68
CA GLY A 129 5.90 25.85 2.43
C GLY A 129 6.09 27.35 2.62
N ASP A 130 5.88 27.83 3.83
CA ASP A 130 6.03 29.29 4.11
C ASP A 130 7.54 29.62 4.21
N PRO A 131 7.89 30.88 3.93
CA PRO A 131 9.30 31.24 4.04
C PRO A 131 9.80 31.16 5.45
N GLY A 132 10.97 30.60 5.62
CA GLY A 132 11.67 30.59 6.89
C GLY A 132 13.11 31.04 6.71
N PRO A 133 13.87 31.09 7.81
CA PRO A 133 15.26 31.49 7.79
C PRO A 133 16.16 30.61 6.94
N CYS A 134 15.77 29.34 6.72
CA CYS A 134 16.54 28.44 5.85
C CYS A 134 15.79 28.00 4.60
N GLY A 135 14.85 28.79 4.13
CA GLY A 135 14.06 28.48 2.96
C GLY A 135 12.64 28.09 3.36
N ARG A 136 11.90 27.62 2.37
CA ARG A 136 10.50 27.22 2.63
C ARG A 136 10.47 26.01 3.55
N ILE A 137 9.65 26.08 4.58
CA ILE A 137 9.64 25.11 5.65
C ILE A 137 9.16 23.73 5.10
N LEU A 138 9.94 22.71 5.42
CA LEU A 138 9.59 21.30 5.10
C LEU A 138 9.35 21.09 3.60
N THR A 139 10.04 21.89 2.78
CA THR A 139 9.83 21.85 1.34
C THR A 139 11.05 21.29 0.66
N ARG A 140 10.88 20.27 -0.16
CA ARG A 140 11.97 19.62 -0.81
C ARG A 140 12.74 20.60 -1.70
N GLY A 141 14.06 20.42 -1.65
CA GLY A 141 14.99 21.26 -2.39
C GLY A 141 15.48 22.49 -1.66
N GLU A 142 14.93 22.79 -0.48
CA GLU A 142 15.28 24.00 0.28
C GLU A 142 16.44 23.72 1.20
N PRO A 143 17.24 24.75 1.54
CA PRO A 143 18.41 24.47 2.35
C PRO A 143 18.13 23.81 3.70
N GLY A 144 17.10 24.32 4.39
CA GLY A 144 16.82 23.81 5.72
C GLY A 144 16.25 22.41 5.72
N TRP A 145 15.68 21.99 4.61
CA TRP A 145 15.06 20.67 4.49
C TRP A 145 16.08 19.57 4.41
N ASP A 146 17.31 19.87 3.93
CA ASP A 146 18.27 18.79 3.72
C ASP A 146 18.84 18.20 5.01
N ILE A 147 19.35 16.99 4.88
CA ILE A 147 20.09 16.32 5.94
C ILE A 147 21.34 17.11 6.33
N ILE A 148 21.60 17.16 7.63
CA ILE A 148 22.75 17.92 8.13
C ILE A 148 24.04 17.34 7.61
N PRO A 149 25.06 18.23 7.36
CA PRO A 149 26.27 17.74 6.73
C PRO A 149 27.01 16.62 7.46
N GLU A 150 26.96 16.62 8.78
CA GLU A 150 27.71 15.64 9.56
C GLU A 150 27.15 14.21 9.44
N LEU A 151 25.91 14.11 8.98
CA LEU A 151 25.26 12.79 8.76
C LEU A 151 24.84 12.59 7.30
N TYR A 152 25.52 13.26 6.37
CA TYR A 152 25.07 13.30 5.02
C TYR A 152 25.25 11.97 4.33
N PRO A 153 24.30 11.58 3.46
CA PRO A 153 24.46 10.33 2.74
C PRO A 153 25.64 10.31 1.78
N ILE A 154 26.15 9.14 1.53
CA ILE A 154 27.12 8.91 0.46
C ILE A 154 26.53 8.03 -0.59
N GLU A 155 27.23 7.92 -1.73
CA GLU A 155 26.68 7.17 -2.84
C GLU A 155 26.39 5.74 -2.42
N GLY A 156 25.25 5.22 -2.91
CA GLY A 156 24.80 3.87 -2.61
C GLY A 156 23.91 3.75 -1.37
N GLU A 157 23.69 4.87 -0.69
CA GLU A 157 22.83 4.89 0.49
C GLU A 157 21.49 5.49 0.08
N THR A 158 20.46 4.66 0.08
CA THR A 158 19.15 5.12 -0.37
C THR A 158 18.57 6.19 0.52
N ILE A 159 18.04 7.25 -0.10
CA ILE A 159 17.35 8.31 0.60
C ILE A 159 15.88 8.25 0.26
N ILE A 160 15.05 8.18 1.30
CA ILE A 160 13.60 8.21 1.18
C ILE A 160 13.10 9.60 1.44
N ASP A 161 12.28 10.11 0.54
CA ASP A 161 11.59 11.37 0.75
C ASP A 161 10.13 11.10 1.09
N ALA A 162 9.79 11.42 2.35
CA ALA A 162 8.52 11.02 2.94
C ALA A 162 7.62 12.22 3.19
N PRO A 163 6.37 12.19 2.69
CA PRO A 163 5.42 13.23 3.01
C PRO A 163 4.67 13.04 4.34
N GLY A 164 4.93 11.94 5.00
CA GLY A 164 4.30 11.57 6.25
C GLY A 164 5.34 11.45 7.39
N LYS A 165 4.82 11.19 8.58
CA LYS A 165 5.66 10.88 9.72
C LYS A 165 6.22 9.47 9.67
N GLY A 166 5.47 8.54 9.13
CA GLY A 166 5.97 7.21 8.86
C GLY A 166 6.63 7.17 7.49
N SER A 167 7.83 6.62 7.42
CA SER A 167 8.61 6.64 6.20
C SER A 167 8.12 5.66 5.14
N PHE A 168 7.19 4.77 5.48
CA PHE A 168 6.62 3.87 4.48
C PHE A 168 5.49 4.50 3.65
N CYS A 169 4.73 5.41 4.24
CA CYS A 169 3.52 5.92 3.61
C CYS A 169 3.85 6.71 2.35
N ALA A 170 3.33 6.22 1.22
CA ALA A 170 3.46 6.94 -0.07
C ALA A 170 4.90 7.05 -0.57
N THR A 171 5.76 6.10 -0.15
CA THR A 171 7.12 6.04 -0.63
C THR A 171 7.45 4.68 -1.21
N ASP A 172 8.68 4.55 -1.72
CA ASP A 172 9.21 3.30 -2.19
C ASP A 172 10.07 2.55 -1.19
N LEU A 173 9.96 2.90 0.10
CA LEU A 173 10.80 2.27 1.12
C LEU A 173 10.60 0.78 1.15
N GLU A 174 9.34 0.33 1.17
CA GLU A 174 9.09 -1.11 1.26
C GLU A 174 9.63 -1.89 0.03
N LEU A 175 9.42 -1.32 -1.14
CA LEU A 175 9.90 -1.87 -2.41
C LEU A 175 11.41 -2.02 -2.36
N VAL A 176 12.10 -0.99 -1.87
CA VAL A 176 13.57 -1.01 -1.78
C VAL A 176 14.02 -2.04 -0.75
N LEU A 177 13.40 -2.08 0.42
CA LEU A 177 13.76 -3.10 1.41
C LEU A 177 13.59 -4.51 0.87
N ASN A 178 12.52 -4.73 0.13
CA ASN A 178 12.24 -6.04 -0.43
C ASN A 178 13.31 -6.39 -1.48
N GLN A 179 13.70 -5.46 -2.35
CA GLN A 179 14.69 -5.82 -3.38
C GLN A 179 16.08 -6.04 -2.76
N LYS A 180 16.37 -5.34 -1.67
CA LYS A 180 17.64 -5.52 -0.93
C LYS A 180 17.61 -6.74 -0.02
N ARG A 181 16.45 -7.41 0.13
CA ARG A 181 16.27 -8.55 1.01
C ARG A 181 16.66 -8.24 2.45
N ILE A 182 16.24 -7.07 2.90
CA ILE A 182 16.50 -6.64 4.24
C ILE A 182 15.50 -7.29 5.19
N GLU A 183 15.99 -7.84 6.29
N GLU A 183 15.99 -7.84 6.29
CA GLU A 183 15.14 -8.44 7.33
CA GLU A 183 15.15 -8.45 7.33
C GLU A 183 15.15 -7.67 8.65
C GLU A 183 15.16 -7.67 8.65
N ASN A 184 16.28 -7.01 8.93
CA ASN A 184 16.54 -6.35 10.22
C ASN A 184 16.75 -4.87 9.95
N ILE A 185 16.15 -4.02 10.78
CA ILE A 185 16.32 -2.59 10.70
C ILE A 185 16.74 -2.03 12.03
N ILE A 186 17.80 -1.21 12.02
CA ILE A 186 18.25 -0.50 13.21
C ILE A 186 17.83 0.96 13.03
N LEU A 187 17.00 1.44 13.95
CA LEU A 187 16.39 2.77 13.84
C LEU A 187 17.08 3.80 14.72
N THR A 188 17.34 4.95 14.09
CA THR A 188 17.92 6.10 14.73
C THR A 188 17.27 7.34 14.13
N GLY A 189 17.46 8.49 14.79
CA GLY A 189 17.00 9.75 14.23
C GLY A 189 15.99 10.45 15.09
N ILE A 190 15.22 11.36 14.49
CA ILE A 190 14.32 12.20 15.25
C ILE A 190 12.97 12.33 14.55
N THR A 191 11.91 12.67 15.27
CA THR A 191 11.86 12.58 16.74
C THR A 191 11.41 11.20 17.19
N THR A 192 11.82 10.83 18.38
CA THR A 192 11.58 9.49 18.91
C THR A 192 10.14 9.07 18.85
N ASP A 193 9.27 9.98 19.29
CA ASP A 193 7.87 9.69 19.46
C ASP A 193 7.04 9.94 18.22
N VAL A 194 7.57 10.65 17.24
CA VAL A 194 6.77 11.03 16.04
C VAL A 194 7.32 10.15 14.88
N CYS A 195 8.36 10.58 14.19
CA CYS A 195 8.76 9.89 12.97
C CYS A 195 9.44 8.54 13.25
N VAL A 196 10.27 8.45 14.27
CA VAL A 196 10.98 7.19 14.51
C VAL A 196 9.98 6.13 14.94
N SER A 197 9.16 6.43 15.94
CA SER A 197 8.18 5.47 16.42
C SER A 197 7.21 5.05 15.29
N THR A 198 6.74 6.02 14.51
CA THR A 198 5.80 5.68 13.43
C THR A 198 6.43 4.72 12.43
N THR A 199 7.64 5.02 11.99
CA THR A 199 8.32 4.14 11.05
C THR A 199 8.58 2.76 11.62
N MET A 200 8.96 2.71 12.91
CA MET A 200 9.19 1.42 13.56
C MET A 200 7.92 0.57 13.58
N ARG A 201 6.80 1.23 13.89
CA ARG A 201 5.52 0.53 13.93
C ARG A 201 5.13 -0.01 12.57
N GLU A 202 5.31 0.81 11.53
CA GLU A 202 5.01 0.37 10.16
C GLU A 202 5.88 -0.83 9.76
N ALA A 203 7.15 -0.74 10.04
CA ALA A 203 8.09 -1.80 9.66
C ALA A 203 7.74 -3.08 10.40
N ASN A 204 7.54 -2.95 11.70
CA ASN A 204 7.23 -4.12 12.52
C ASN A 204 5.98 -4.85 12.07
N ASP A 205 4.95 -4.10 11.69
CA ASP A 205 3.71 -4.74 11.24
C ASP A 205 3.90 -5.59 10.00
N ARG A 206 4.85 -5.21 9.17
CA ARG A 206 5.13 -5.90 7.93
C ARG A 206 6.08 -7.08 8.13
N GLY A 207 6.62 -7.23 9.34
CA GLY A 207 7.47 -8.36 9.68
C GLY A 207 8.94 -8.07 9.84
N TYR A 208 9.36 -6.83 9.57
CA TYR A 208 10.74 -6.45 9.82
C TYR A 208 11.06 -6.56 11.30
N GLU A 209 12.32 -6.89 11.59
CA GLU A 209 12.82 -7.05 12.94
C GLU A 209 13.64 -5.82 13.29
N CYS A 210 13.17 -5.05 14.26
CA CYS A 210 13.63 -3.70 14.46
C CYS A 210 14.28 -3.48 15.83
N LEU A 211 15.37 -2.75 15.83
CA LEU A 211 16.12 -2.36 17.02
C LEU A 211 16.12 -0.85 17.09
N LEU A 212 15.64 -0.29 18.20
CA LEU A 212 15.72 1.15 18.41
C LEU A 212 16.94 1.43 19.27
N LEU A 213 17.80 2.36 18.83
CA LEU A 213 18.95 2.77 19.62
C LEU A 213 18.57 4.03 20.42
N GLU A 214 18.45 3.86 21.73
CA GLU A 214 17.82 4.92 22.57
C GLU A 214 18.67 6.18 22.66
N ASP A 215 20.00 6.07 22.58
CA ASP A 215 20.86 7.26 22.59
C ASP A 215 21.06 7.92 21.21
N CYS A 216 20.45 7.30 20.20
CA CYS A 216 20.54 7.77 18.82
C CYS A 216 19.22 8.33 18.35
N CYS A 217 18.32 8.63 19.28
N CYS A 217 18.31 8.62 19.27
CA CYS A 217 17.09 9.34 18.99
CA CYS A 217 17.09 9.36 18.97
C CYS A 217 16.88 10.43 20.01
C CYS A 217 16.87 10.42 20.01
N GLY A 218 15.99 11.35 19.72
CA GLY A 218 15.57 12.38 20.66
C GLY A 218 14.28 13.03 20.24
N ALA A 219 13.67 13.80 21.15
CA ALA A 219 12.36 14.37 20.88
C ALA A 219 12.20 15.78 21.36
N THR A 220 11.05 16.34 21.09
CA THR A 220 10.70 17.69 21.55
C THR A 220 10.46 17.75 23.08
N ASP A 221 10.23 16.62 23.70
CA ASP A 221 9.86 16.50 25.10
C ASP A 221 10.55 15.23 25.58
N TYR A 222 11.40 15.33 26.59
CA TYR A 222 12.19 14.18 27.02
C TYR A 222 11.34 13.07 27.57
N GLY A 223 10.27 13.41 28.29
CA GLY A 223 9.33 12.41 28.79
C GLY A 223 8.73 11.59 27.66
N ASN A 224 8.34 12.25 26.57
CA ASN A 224 7.77 11.53 25.42
C ASN A 224 8.82 10.64 24.76
N HIS A 225 10.06 11.09 24.71
CA HIS A 225 11.18 10.26 24.21
C HIS A 225 11.28 8.97 25.05
N LEU A 226 11.34 9.13 26.38
CA LEU A 226 11.46 7.98 27.25
C LEU A 226 10.27 7.03 27.12
N ALA A 227 9.08 7.59 27.03
CA ALA A 227 7.87 6.77 26.94
C ALA A 227 7.82 6.01 25.62
N ALA A 228 8.22 6.65 24.53
CA ALA A 228 8.22 5.98 23.23
C ALA A 228 9.15 4.77 23.21
N ILE A 229 10.26 4.94 23.89
CA ILE A 229 11.21 3.81 24.08
C ILE A 229 10.57 2.69 24.93
N LYS A 230 9.96 3.06 26.05
CA LYS A 230 9.33 2.07 26.91
C LYS A 230 8.22 1.29 26.14
N MET A 231 7.46 1.99 25.29
CA MET A 231 6.41 1.35 24.54
C MET A 231 6.91 0.19 23.67
N VAL A 232 8.12 0.29 23.15
CA VAL A 232 8.70 -0.76 22.33
C VAL A 232 8.85 -2.08 23.11
N LYS A 233 9.19 -1.95 24.39
CA LYS A 233 9.61 -3.08 25.20
C LYS A 233 8.47 -3.90 25.77
N MET A 234 7.28 -3.33 25.83
CA MET A 234 6.17 -4.00 26.53
C MET A 234 5.74 -5.29 25.81
N GLN A 235 5.06 -6.18 26.51
CA GLN A 235 4.52 -7.39 25.91
C GLN A 235 5.59 -8.22 25.21
N GLY A 236 6.77 -8.30 25.80
CA GLY A 236 7.83 -9.12 25.21
C GLY A 236 8.48 -8.50 23.98
N GLY A 237 8.39 -7.19 23.85
CA GLY A 237 9.01 -6.47 22.74
C GLY A 237 8.05 -6.28 21.60
N VAL A 238 6.92 -5.66 21.90
CA VAL A 238 5.82 -5.59 20.94
C VAL A 238 6.21 -4.96 19.59
N PHE A 239 7.12 -4.01 19.61
CA PHE A 239 7.61 -3.38 18.35
C PHE A 239 9.04 -3.75 17.99
N GLY A 240 9.69 -4.57 18.80
CA GLY A 240 11.09 -4.90 18.61
C GLY A 240 11.83 -4.82 19.92
N SER A 241 13.10 -4.44 19.87
CA SER A 241 13.93 -4.36 21.07
C SER A 241 14.69 -3.05 21.08
N VAL A 242 15.37 -2.76 22.18
CA VAL A 242 16.03 -1.48 22.41
C VAL A 242 17.46 -1.70 22.86
N SER A 243 18.38 -0.94 22.28
CA SER A 243 19.78 -0.98 22.72
C SER A 243 20.36 0.40 22.62
N ASN A 244 21.70 0.50 22.56
CA ASN A 244 22.37 1.78 22.51
C ASN A 244 23.57 1.67 21.59
N SER A 245 24.12 2.81 21.20
CA SER A 245 25.18 2.86 20.23
C SER A 245 26.42 2.05 20.66
N ALA A 246 26.78 2.13 21.92
CA ALA A 246 28.00 1.45 22.38
C ALA A 246 27.82 -0.05 22.28
N ALA A 247 26.66 -0.56 22.71
CA ALA A 247 26.40 -1.98 22.66
C ALA A 247 26.32 -2.49 21.22
N LEU A 248 25.73 -1.68 20.35
CA LEU A 248 25.66 -2.05 18.93
C LEU A 248 27.05 -2.13 18.30
N VAL A 249 27.85 -1.08 18.45
CA VAL A 249 29.15 -1.02 17.80
C VAL A 249 30.03 -2.14 18.36
N GLU A 250 29.91 -2.43 19.67
CA GLU A 250 30.77 -3.45 20.28
C GLU A 250 30.50 -4.86 19.72
N ALA A 251 29.24 -5.18 19.43
CA ALA A 251 28.84 -6.51 19.05
C ALA A 251 28.49 -6.69 17.57
N LEU A 252 28.55 -5.64 16.79
CA LEU A 252 28.15 -5.73 15.36
C LEU A 252 29.12 -6.67 14.62
N PRO A 253 28.61 -7.74 13.98
CA PRO A 253 29.51 -8.66 13.26
C PRO A 253 30.22 -8.01 12.06
N ASN B 28 22.34 -26.03 -9.15
CA ASN B 28 21.08 -26.72 -8.74
C ASN B 28 19.84 -25.98 -9.26
N ARG B 29 19.99 -25.48 -10.47
CA ARG B 29 18.97 -24.64 -11.11
C ARG B 29 17.99 -25.57 -11.80
N HIS B 30 16.72 -25.16 -11.83
CA HIS B 30 15.70 -25.88 -12.55
C HIS B 30 14.84 -24.89 -13.31
N PHE B 31 14.48 -25.24 -14.51
CA PHE B 31 13.67 -24.40 -15.38
C PHE B 31 12.51 -25.16 -15.97
N ILE B 32 11.45 -24.42 -16.28
CA ILE B 32 10.32 -24.86 -17.06
C ILE B 32 10.41 -24.23 -18.44
N ASP B 33 10.21 -25.01 -19.48
CA ASP B 33 10.21 -24.49 -20.83
C ASP B 33 9.10 -23.45 -20.93
N ALA B 34 9.44 -22.30 -21.45
CA ALA B 34 8.48 -21.16 -21.45
C ALA B 34 8.84 -20.16 -22.49
N ASP B 35 7.93 -19.24 -22.80
CA ASP B 35 8.08 -18.26 -23.87
C ASP B 35 7.87 -16.89 -23.19
N PRO B 36 8.84 -15.97 -23.21
CA PRO B 36 9.95 -15.95 -24.13
C PRO B 36 11.26 -16.43 -23.53
N TYR B 37 11.26 -16.86 -22.28
CA TYR B 37 12.48 -17.38 -21.67
C TYR B 37 12.17 -18.51 -20.72
N PRO B 38 13.11 -19.44 -20.51
CA PRO B 38 12.86 -20.53 -19.56
C PRO B 38 12.73 -20.00 -18.13
N TRP B 39 11.74 -20.50 -17.42
CA TRP B 39 11.27 -19.89 -16.18
C TRP B 39 11.56 -20.75 -14.97
N PRO B 40 11.83 -20.17 -13.81
CA PRO B 40 12.04 -18.73 -13.56
C PRO B 40 13.35 -18.25 -14.11
N TYR B 41 13.52 -16.96 -14.26
CA TYR B 41 14.69 -16.41 -14.95
C TYR B 41 16.02 -16.92 -14.45
N ASN B 42 16.11 -17.10 -13.14
CA ASN B 42 17.36 -17.53 -12.46
C ASN B 42 17.40 -19.00 -12.10
N GLY B 43 16.37 -19.76 -12.46
CA GLY B 43 16.36 -21.21 -12.16
C GLY B 43 16.20 -21.57 -10.70
N ALA B 44 15.80 -20.61 -9.86
CA ALA B 44 15.68 -20.86 -8.42
C ALA B 44 14.24 -21.33 -8.13
N LEU B 45 13.96 -22.57 -8.48
CA LEU B 45 12.62 -23.13 -8.45
C LEU B 45 12.52 -24.21 -7.42
N ARG B 46 11.90 -23.90 -6.30
CA ARG B 46 11.78 -24.82 -5.17
C ARG B 46 10.36 -24.77 -4.56
N PRO B 47 9.96 -25.83 -3.87
CA PRO B 47 8.71 -25.77 -3.14
C PRO B 47 8.59 -24.60 -2.17
N ASP B 48 9.68 -24.26 -1.48
CA ASP B 48 9.60 -23.27 -0.42
C ASP B 48 9.46 -21.85 -0.95
N ASN B 49 9.83 -21.59 -2.21
CA ASN B 49 9.81 -20.21 -2.72
C ASN B 49 8.86 -19.99 -3.89
N THR B 50 7.98 -20.95 -4.11
CA THR B 50 7.11 -20.94 -5.30
C THR B 50 5.68 -21.24 -4.93
N ALA B 51 4.76 -20.42 -5.44
CA ALA B 51 3.33 -20.62 -5.23
C ALA B 51 2.59 -20.77 -6.54
N LEU B 52 1.59 -21.65 -6.51
CA LEU B 52 0.51 -21.65 -7.49
C LEU B 52 -0.54 -20.67 -6.97
N ILE B 53 -1.09 -19.83 -7.83
CA ILE B 53 -2.28 -19.07 -7.52
C ILE B 53 -3.38 -19.44 -8.49
N ILE B 54 -4.55 -19.80 -7.95
CA ILE B 54 -5.73 -20.13 -8.78
C ILE B 54 -6.74 -19.01 -8.57
N ILE B 55 -6.90 -18.21 -9.60
CA ILE B 55 -7.69 -16.96 -9.56
C ILE B 55 -9.13 -17.15 -9.96
N ASP B 56 -10.03 -16.91 -9.01
CA ASP B 56 -11.44 -16.64 -9.26
C ASP B 56 -12.20 -17.76 -9.98
N MET B 57 -11.88 -19.03 -9.69
CA MET B 57 -12.64 -20.15 -10.29
C MET B 57 -13.92 -20.38 -9.50
N GLN B 58 -14.82 -19.39 -9.60
CA GLN B 58 -16.03 -19.29 -8.81
C GLN B 58 -17.25 -19.69 -9.64
N THR B 59 -18.24 -20.26 -8.97
CA THR B 59 -19.45 -20.73 -9.67
C THR B 59 -20.08 -19.69 -10.54
N ASP B 60 -20.25 -18.46 -10.06
CA ASP B 60 -20.98 -17.47 -10.91
C ASP B 60 -20.24 -17.13 -12.22
N PHE B 61 -18.89 -17.29 -12.18
CA PHE B 61 -18.06 -16.98 -13.34
C PHE B 61 -17.87 -18.15 -14.31
N CYS B 62 -17.87 -19.40 -13.81
CA CYS B 62 -17.53 -20.52 -14.68
C CYS B 62 -18.36 -21.77 -14.48
N GLY B 63 -19.38 -21.71 -13.62
CA GLY B 63 -20.23 -22.87 -13.30
C GLY B 63 -21.53 -22.87 -14.06
N LYS B 64 -22.05 -24.08 -14.32
N LYS B 64 -22.05 -24.08 -14.32
CA LYS B 64 -23.37 -24.20 -14.99
CA LYS B 64 -23.38 -24.21 -14.96
C LYS B 64 -24.41 -23.56 -14.05
C LYS B 64 -24.40 -23.56 -14.04
N GLY B 65 -25.25 -22.71 -14.61
CA GLY B 65 -26.30 -22.03 -13.87
C GLY B 65 -25.87 -20.82 -13.07
N GLY B 66 -24.60 -20.44 -13.16
CA GLY B 66 -24.20 -19.17 -12.54
C GLY B 66 -24.62 -17.98 -13.40
N TYR B 67 -24.37 -16.79 -12.88
CA TYR B 67 -24.81 -15.57 -13.58
C TYR B 67 -24.18 -15.41 -14.96
N VAL B 68 -22.94 -15.82 -15.16
CA VAL B 68 -22.29 -15.68 -16.47
C VAL B 68 -22.96 -16.64 -17.44
N ASP B 69 -23.27 -17.87 -17.01
CA ASP B 69 -23.93 -18.83 -17.86
C ASP B 69 -25.31 -18.28 -18.26
N HIS B 70 -26.05 -17.76 -17.29
CA HIS B 70 -27.38 -17.21 -17.57
C HIS B 70 -27.38 -16.02 -18.51
N MET B 71 -26.31 -15.22 -18.53
CA MET B 71 -26.20 -14.12 -19.48
C MET B 71 -25.86 -14.54 -20.91
N GLY B 72 -25.54 -15.80 -21.14
CA GLY B 72 -25.35 -16.33 -22.50
C GLY B 72 -23.91 -16.24 -22.99
N TYR B 73 -22.96 -15.99 -22.07
CA TYR B 73 -21.56 -16.08 -22.45
C TYR B 73 -21.14 -17.51 -22.77
N ASP B 74 -20.04 -17.65 -23.51
CA ASP B 74 -19.59 -18.96 -23.96
C ASP B 74 -18.83 -19.55 -22.78
N LEU B 75 -19.59 -20.21 -21.91
CA LEU B 75 -19.01 -20.79 -20.67
C LEU B 75 -17.93 -21.81 -20.94
N SER B 76 -17.95 -22.51 -22.09
CA SER B 76 -16.93 -23.48 -22.40
C SER B 76 -15.50 -22.88 -22.35
N LEU B 77 -15.33 -21.61 -22.67
CA LEU B 77 -14.04 -20.98 -22.68
C LEU B 77 -13.47 -20.79 -21.26
N VAL B 78 -14.33 -20.58 -20.29
CA VAL B 78 -13.87 -20.47 -18.86
C VAL B 78 -13.92 -21.79 -18.13
N GLN B 79 -14.57 -22.80 -18.69
CA GLN B 79 -14.45 -24.16 -18.17
C GLN B 79 -13.25 -24.95 -18.70
N ALA B 80 -12.76 -24.57 -19.86
CA ALA B 80 -11.63 -25.26 -20.50
C ALA B 80 -10.42 -25.35 -19.57
N PRO B 81 -10.12 -24.31 -18.78
CA PRO B 81 -8.96 -24.47 -17.87
C PRO B 81 -9.12 -25.39 -16.69
N ILE B 82 -10.31 -25.86 -16.40
CA ILE B 82 -10.53 -26.63 -15.17
C ILE B 82 -9.66 -27.90 -15.12
N GLU B 83 -9.68 -28.73 -16.15
CA GLU B 83 -8.90 -29.96 -16.12
C GLU B 83 -7.39 -29.72 -16.06
N PRO B 84 -6.86 -28.79 -16.88
CA PRO B 84 -5.43 -28.46 -16.74
C PRO B 84 -5.07 -27.92 -15.35
N ILE B 85 -5.91 -27.08 -14.76
CA ILE B 85 -5.65 -26.58 -13.41
C ILE B 85 -5.64 -27.74 -12.44
N LYS B 86 -6.62 -28.65 -12.56
CA LYS B 86 -6.67 -29.79 -11.65
C LYS B 86 -5.36 -30.56 -11.68
N ARG B 87 -4.79 -30.77 -12.87
CA ARG B 87 -3.53 -31.50 -13.01
C ARG B 87 -2.37 -30.77 -12.35
N VAL B 88 -2.29 -29.47 -12.58
CA VAL B 88 -1.22 -28.66 -11.99
C VAL B 88 -1.36 -28.63 -10.46
N LEU B 89 -2.60 -28.44 -9.98
CA LEU B 89 -2.90 -28.40 -8.57
C LEU B 89 -2.51 -29.72 -7.88
N ALA B 90 -2.86 -30.84 -8.51
CA ALA B 90 -2.48 -32.13 -7.93
C ALA B 90 -0.99 -32.30 -7.84
N ALA B 91 -0.29 -31.93 -8.89
CA ALA B 91 1.18 -32.07 -8.96
C ALA B 91 1.84 -31.18 -7.92
N MET B 92 1.38 -29.93 -7.81
CA MET B 92 1.99 -29.02 -6.86
C MET B 92 1.68 -29.33 -5.42
N ARG B 93 0.47 -29.82 -5.15
CA ARG B 93 0.14 -30.32 -3.82
C ARG B 93 1.04 -31.50 -3.44
N ALA B 94 1.20 -32.41 -4.35
CA ALA B 94 1.99 -33.66 -4.08
C ALA B 94 3.44 -33.33 -3.76
N LYS B 95 3.99 -32.27 -4.37
CA LYS B 95 5.38 -31.88 -4.16
C LYS B 95 5.58 -30.78 -3.12
N GLY B 96 4.50 -30.39 -2.45
CA GLY B 96 4.56 -29.50 -1.31
C GLY B 96 4.82 -28.04 -1.60
N TYR B 97 4.42 -27.61 -2.80
CA TYR B 97 4.48 -26.18 -3.17
C TYR B 97 3.38 -25.41 -2.43
N HIS B 98 3.58 -24.11 -2.30
CA HIS B 98 2.55 -23.22 -1.75
C HIS B 98 1.39 -23.12 -2.73
N ILE B 99 0.16 -23.17 -2.21
CA ILE B 99 -1.04 -23.06 -3.04
C ILE B 99 -1.87 -21.93 -2.47
N ILE B 100 -2.24 -21.00 -3.35
CA ILE B 100 -3.06 -19.84 -2.99
C ILE B 100 -4.27 -19.80 -3.94
N HIS B 101 -5.41 -19.39 -3.40
CA HIS B 101 -6.63 -19.24 -4.19
C HIS B 101 -7.15 -17.84 -4.01
N THR B 102 -7.83 -17.30 -5.01
CA THR B 102 -8.49 -16.01 -4.85
C THR B 102 -9.94 -16.06 -5.23
N ARG B 103 -10.76 -15.22 -4.58
CA ARG B 103 -12.18 -15.02 -4.94
C ARG B 103 -12.46 -13.54 -5.04
N GLU B 104 -13.01 -13.11 -6.15
CA GLU B 104 -13.50 -11.73 -6.27
C GLU B 104 -14.84 -11.66 -5.53
N GLY B 105 -15.00 -10.64 -4.70
CA GLY B 105 -16.26 -10.49 -3.99
C GLY B 105 -16.25 -9.31 -3.07
N HIS B 106 -17.44 -8.99 -2.55
CA HIS B 106 -17.67 -7.86 -1.67
C HIS B 106 -18.27 -8.28 -0.34
N ARG B 107 -17.91 -7.53 0.68
CA ARG B 107 -18.60 -7.63 1.98
C ARG B 107 -20.10 -7.54 1.72
N PRO B 108 -20.90 -8.32 2.48
CA PRO B 108 -22.35 -8.28 2.26
C PRO B 108 -23.02 -6.93 2.43
N ASP B 109 -22.45 -6.01 3.22
CA ASP B 109 -22.98 -4.68 3.32
C ASP B 109 -22.47 -3.72 2.22
N LEU B 110 -21.63 -4.26 1.33
CA LEU B 110 -21.13 -3.56 0.16
C LEU B 110 -20.25 -2.34 0.52
N ALA B 111 -19.66 -2.35 1.69
CA ALA B 111 -18.84 -1.20 2.12
C ALA B 111 -17.56 -1.02 1.29
N ASP B 112 -17.09 -2.12 0.70
CA ASP B 112 -15.90 -2.16 -0.14
C ASP B 112 -16.18 -2.09 -1.64
N LEU B 113 -17.39 -1.64 -2.01
CA LEU B 113 -17.83 -1.63 -3.41
C LEU B 113 -17.82 -0.21 -3.96
N PRO B 114 -16.88 0.10 -4.90
CA PRO B 114 -16.94 1.40 -5.52
C PRO B 114 -18.24 1.68 -6.26
N ALA B 115 -18.68 2.92 -6.22
CA ALA B 115 -19.94 3.27 -6.87
C ALA B 115 -19.94 3.05 -8.36
N ASN B 116 -18.81 3.34 -9.01
CA ASN B 116 -18.74 3.09 -10.45
C ASN B 116 -18.83 1.61 -10.80
N LYS B 117 -18.13 0.78 -10.05
CA LYS B 117 -18.20 -0.68 -10.25
C LYS B 117 -19.64 -1.16 -10.11
N ARG B 118 -20.33 -0.71 -9.08
CA ARG B 118 -21.72 -1.09 -8.88
C ARG B 118 -22.60 -0.65 -10.06
N TRP B 119 -22.48 0.61 -10.42
CA TRP B 119 -23.32 1.17 -11.50
C TRP B 119 -23.16 0.41 -12.81
N ARG B 120 -21.90 0.09 -13.16
CA ARG B 120 -21.65 -0.62 -14.41
C ARG B 120 -22.31 -1.98 -14.40
N SER B 121 -22.22 -2.66 -13.26
CA SER B 121 -22.74 -4.02 -13.12
C SER B 121 -24.27 -3.99 -13.22
N GLN B 122 -24.88 -2.97 -12.66
CA GLN B 122 -26.36 -2.80 -12.75
C GLN B 122 -26.79 -2.57 -14.18
N ARG B 123 -26.02 -1.76 -14.90
N ARG B 123 -26.02 -1.76 -14.90
CA ARG B 123 -26.37 -1.37 -16.26
CA ARG B 123 -26.37 -1.36 -16.26
C ARG B 123 -26.40 -2.57 -17.21
C ARG B 123 -26.40 -2.57 -17.21
N ILE B 124 -25.55 -3.56 -16.99
CA ILE B 124 -25.54 -4.77 -17.82
C ILE B 124 -26.43 -5.90 -17.29
N GLY B 125 -27.18 -5.65 -16.22
CA GLY B 125 -28.11 -6.65 -15.67
C GLY B 125 -27.46 -7.75 -14.82
N ALA B 126 -26.36 -7.41 -14.14
CA ALA B 126 -25.70 -8.31 -13.24
C ALA B 126 -25.21 -7.50 -12.04
N GLY B 127 -26.15 -6.79 -11.42
CA GLY B 127 -25.82 -5.85 -10.35
C GLY B 127 -25.20 -6.53 -9.14
N ILE B 128 -24.05 -6.00 -8.72
CA ILE B 128 -23.39 -6.53 -7.56
C ILE B 128 -24.26 -6.38 -6.32
N GLY B 129 -24.46 -7.47 -5.60
CA GLY B 129 -25.32 -7.51 -4.46
C GLY B 129 -26.80 -7.79 -4.77
N ASP B 130 -27.17 -7.70 -6.03
CA ASP B 130 -28.56 -7.95 -6.46
C ASP B 130 -28.78 -9.49 -6.50
N PRO B 131 -30.05 -9.92 -6.42
CA PRO B 131 -30.34 -11.36 -6.54
C PRO B 131 -29.93 -11.91 -7.87
N GLY B 132 -29.22 -13.03 -7.84
CA GLY B 132 -28.87 -13.73 -9.06
C GLY B 132 -29.29 -15.20 -8.93
N PRO B 133 -28.98 -15.99 -9.95
CA PRO B 133 -29.42 -17.38 -10.00
C PRO B 133 -28.77 -18.24 -8.91
N CYS B 134 -27.60 -17.84 -8.41
CA CYS B 134 -26.90 -18.55 -7.37
C CYS B 134 -26.69 -17.70 -6.11
N GLY B 135 -27.55 -16.72 -5.88
CA GLY B 135 -27.43 -15.86 -4.70
C GLY B 135 -27.03 -14.47 -5.12
N ARG B 136 -26.76 -13.60 -4.13
CA ARG B 136 -26.44 -12.22 -4.42
C ARG B 136 -25.09 -12.16 -5.20
N ILE B 137 -25.10 -11.40 -6.27
CA ILE B 137 -24.00 -11.41 -7.23
C ILE B 137 -22.74 -10.81 -6.59
N LEU B 138 -21.62 -11.52 -6.73
CA LEU B 138 -20.29 -11.07 -6.30
C LEU B 138 -20.28 -10.72 -4.82
N THR B 139 -21.10 -11.40 -4.02
CA THR B 139 -21.25 -11.09 -2.61
C THR B 139 -20.68 -12.24 -1.80
N ARG B 140 -19.77 -11.93 -0.89
CA ARG B 140 -19.15 -12.95 -0.07
C ARG B 140 -20.19 -13.67 0.77
N GLY B 141 -19.96 -14.97 0.88
CA GLY B 141 -20.85 -15.89 1.61
C GLY B 141 -21.98 -16.48 0.79
N GLU B 142 -22.16 -16.05 -0.46
CA GLU B 142 -23.25 -16.55 -1.31
C GLU B 142 -22.81 -17.77 -2.09
N PRO B 143 -23.77 -18.64 -2.46
CA PRO B 143 -23.34 -19.87 -3.13
C PRO B 143 -22.56 -19.68 -4.42
N GLY B 144 -23.02 -18.76 -5.25
CA GLY B 144 -22.38 -18.54 -6.56
C GLY B 144 -20.98 -17.96 -6.44
N TRP B 145 -20.75 -17.25 -5.35
CA TRP B 145 -19.46 -16.60 -5.11
C TRP B 145 -18.36 -17.60 -4.78
N ASP B 146 -18.70 -18.76 -4.23
CA ASP B 146 -17.63 -19.68 -3.82
C ASP B 146 -16.94 -20.40 -4.96
N ILE B 147 -15.75 -20.88 -4.67
CA ILE B 147 -14.96 -21.66 -5.59
C ILE B 147 -15.67 -22.98 -5.96
N ILE B 148 -15.55 -23.35 -7.20
CA ILE B 148 -16.19 -24.58 -7.70
C ILE B 148 -15.65 -25.82 -6.98
N PRO B 149 -16.51 -26.84 -6.79
CA PRO B 149 -16.06 -27.98 -6.01
C PRO B 149 -14.85 -28.74 -6.57
N GLU B 150 -14.68 -28.75 -7.88
CA GLU B 150 -13.59 -29.49 -8.52
C GLU B 150 -12.22 -28.89 -8.22
N LEU B 151 -12.18 -27.63 -7.80
CA LEU B 151 -10.94 -26.91 -7.52
C LEU B 151 -10.92 -26.35 -6.11
N TYR B 152 -11.65 -27.01 -5.19
CA TYR B 152 -11.85 -26.41 -3.89
C TYR B 152 -10.57 -26.44 -3.06
N PRO B 153 -10.33 -25.37 -2.28
CA PRO B 153 -9.14 -25.36 -1.40
C PRO B 153 -9.18 -26.44 -0.33
N ILE B 154 -7.99 -26.84 0.11
CA ILE B 154 -7.86 -27.68 1.29
C ILE B 154 -7.14 -26.91 2.37
N GLU B 155 -7.16 -27.48 3.58
CA GLU B 155 -6.57 -26.79 4.70
C GLU B 155 -5.09 -26.47 4.43
N GLY B 156 -4.69 -25.27 4.85
CA GLY B 156 -3.36 -24.77 4.64
C GLY B 156 -3.08 -24.03 3.34
N GLU B 157 -4.12 -23.93 2.51
CA GLU B 157 -4.04 -23.19 1.26
C GLU B 157 -4.74 -21.85 1.44
N THR B 158 -3.96 -20.77 1.45
CA THR B 158 -4.49 -19.47 1.72
C THR B 158 -5.50 -19.01 0.67
N ILE B 159 -6.65 -18.49 1.11
CA ILE B 159 -7.63 -17.93 0.22
C ILE B 159 -7.67 -16.41 0.40
N ILE B 160 -7.51 -15.69 -0.72
CA ILE B 160 -7.59 -14.23 -0.73
C ILE B 160 -8.97 -13.83 -1.20
N ASP B 161 -9.61 -12.96 -0.40
CA ASP B 161 -10.88 -12.39 -0.80
C ASP B 161 -10.67 -10.94 -1.26
N ALA B 162 -10.85 -10.72 -2.55
CA ALA B 162 -10.43 -9.50 -3.23
C ALA B 162 -11.60 -8.68 -3.70
N PRO B 163 -11.68 -7.40 -3.34
CA PRO B 163 -12.73 -6.53 -3.87
C PRO B 163 -12.43 -5.91 -5.21
N GLY B 164 -11.25 -6.17 -5.74
CA GLY B 164 -10.85 -5.68 -7.03
C GLY B 164 -10.53 -6.81 -8.01
N LYS B 165 -10.17 -6.37 -9.21
CA LYS B 165 -9.68 -7.29 -10.23
C LYS B 165 -8.28 -7.77 -9.96
N GLY B 166 -7.44 -6.90 -9.40
CA GLY B 166 -6.12 -7.34 -8.97
C GLY B 166 -6.20 -7.86 -7.54
N SER B 167 -5.61 -9.02 -7.30
CA SER B 167 -5.73 -9.67 -6.01
C SER B 167 -4.90 -9.03 -4.91
N PHE B 168 -4.01 -8.10 -5.25
CA PHE B 168 -3.24 -7.37 -4.23
C PHE B 168 -4.02 -6.21 -3.59
N CYS B 169 -4.87 -5.54 -4.34
CA CYS B 169 -5.50 -4.31 -3.90
C CYS B 169 -6.41 -4.56 -2.69
N ALA B 170 -6.07 -3.91 -1.57
CA ALA B 170 -6.89 -3.96 -0.37
C ALA B 170 -6.99 -5.32 0.26
N THR B 171 -5.99 -6.17 0.03
CA THR B 171 -5.93 -7.50 0.64
C THR B 171 -4.62 -7.69 1.41
N ASP B 172 -4.49 -8.87 2.02
CA ASP B 172 -3.26 -9.27 2.68
C ASP B 172 -2.36 -10.17 1.83
N LEU B 173 -2.58 -10.21 0.52
CA LEU B 173 -1.80 -11.11 -0.34
C LEU B 173 -0.33 -10.82 -0.25
N GLU B 174 0.05 -9.55 -0.37
CA GLU B 174 1.50 -9.23 -0.33
C GLU B 174 2.14 -9.60 1.00
N LEU B 175 1.44 -9.29 2.10
CA LEU B 175 1.91 -9.64 3.45
C LEU B 175 2.13 -11.15 3.57
N VAL B 176 1.18 -11.94 3.05
CA VAL B 176 1.27 -13.39 3.10
C VAL B 176 2.43 -13.88 2.25
N LEU B 177 2.54 -13.38 1.02
CA LEU B 177 3.68 -13.79 0.17
C LEU B 177 5.01 -13.49 0.84
N ASN B 178 5.11 -12.35 1.47
CA ASN B 178 6.35 -11.93 2.14
C ASN B 178 6.62 -12.87 3.32
N GLN B 179 5.64 -13.23 4.14
CA GLN B 179 5.94 -14.11 5.28
C GLN B 179 6.31 -15.53 4.81
N LYS B 180 5.72 -15.97 3.72
CA LYS B 180 6.00 -17.28 3.11
C LYS B 180 7.33 -17.27 2.32
N ARG B 181 7.95 -16.11 2.11
CA ARG B 181 9.17 -15.95 1.36
C ARG B 181 9.03 -16.48 -0.06
N ILE B 182 7.90 -16.16 -0.68
CA ILE B 182 7.62 -16.57 -2.03
C ILE B 182 8.33 -15.63 -2.99
N GLU B 183 9.03 -16.20 -3.98
N GLU B 183 9.03 -16.20 -3.98
CA GLU B 183 9.70 -15.43 -5.03
CA GLU B 183 9.69 -15.44 -5.03
C GLU B 183 9.06 -15.63 -6.40
C GLU B 183 9.06 -15.63 -6.40
N ASN B 184 8.50 -16.82 -6.63
CA ASN B 184 7.98 -17.25 -7.93
C ASN B 184 6.48 -17.50 -7.79
N ILE B 185 5.70 -17.05 -8.76
CA ILE B 185 4.26 -17.28 -8.78
C ILE B 185 3.84 -17.86 -10.10
N ILE B 186 3.08 -18.95 -10.06
CA ILE B 186 2.51 -19.58 -11.25
C ILE B 186 1.01 -19.22 -11.25
N LEU B 187 0.58 -18.52 -12.29
CA LEU B 187 -0.76 -17.98 -12.36
C LEU B 187 -1.67 -18.81 -13.26
N THR B 188 -2.85 -19.07 -12.73
CA THR B 188 -3.90 -19.82 -13.38
C THR B 188 -5.24 -19.18 -12.97
N GLY B 189 -6.29 -19.50 -13.75
CA GLY B 189 -7.63 -19.06 -13.37
C GLY B 189 -8.24 -18.14 -14.40
N ILE B 190 -9.23 -17.36 -13.99
CA ILE B 190 -10.01 -16.57 -14.92
C ILE B 190 -10.30 -15.18 -14.39
N THR B 191 -10.62 -14.23 -15.25
CA THR B 191 -10.40 -14.30 -16.68
C THR B 191 -9.01 -13.81 -17.04
N THR B 192 -8.49 -14.29 -18.17
CA THR B 192 -7.12 -14.02 -18.54
C THR B 192 -6.78 -12.55 -18.62
N ASP B 193 -7.69 -11.80 -19.22
CA ASP B 193 -7.45 -10.39 -19.51
C ASP B 193 -7.86 -9.45 -18.38
N VAL B 194 -8.65 -9.93 -17.42
CA VAL B 194 -9.13 -9.06 -16.32
C VAL B 194 -8.37 -9.45 -15.06
N CYS B 195 -8.82 -10.42 -14.30
CA CYS B 195 -8.25 -10.67 -12.99
C CYS B 195 -6.85 -11.30 -13.08
N VAL B 196 -6.61 -12.21 -14.02
CA VAL B 196 -5.31 -12.87 -14.05
C VAL B 196 -4.26 -11.86 -14.48
N SER B 197 -4.50 -11.15 -15.58
CA SER B 197 -3.53 -10.14 -16.06
C SER B 197 -3.28 -9.08 -15.00
N THR B 198 -4.34 -8.60 -14.36
CA THR B 198 -4.16 -7.54 -13.35
C THR B 198 -3.29 -8.01 -12.22
N THR B 199 -3.58 -9.20 -11.69
CA THR B 199 -2.79 -9.75 -10.58
C THR B 199 -1.32 -9.98 -11.00
N MET B 200 -1.13 -10.46 -12.22
CA MET B 200 0.25 -10.69 -12.73
C MET B 200 1.01 -9.38 -12.81
N ARG B 201 0.36 -8.33 -13.27
CA ARG B 201 0.99 -7.03 -13.40
C ARG B 201 1.37 -6.46 -12.03
N GLU B 202 0.46 -6.60 -11.06
CA GLU B 202 0.74 -6.13 -9.71
C GLU B 202 1.93 -6.88 -9.09
N ALA B 203 1.92 -8.21 -9.24
CA ALA B 203 2.96 -9.05 -8.67
C ALA B 203 4.31 -8.70 -9.33
N ASN B 204 4.30 -8.62 -10.63
CA ASN B 204 5.53 -8.32 -11.38
C ASN B 204 6.16 -6.99 -10.98
N ASP B 205 5.35 -5.97 -10.77
CA ASP B 205 5.86 -4.66 -10.40
C ASP B 205 6.60 -4.70 -9.07
N ARG B 206 6.19 -5.60 -8.19
CA ARG B 206 6.77 -5.72 -6.87
C ARG B 206 7.99 -6.61 -6.84
N GLY B 207 8.30 -7.25 -7.99
CA GLY B 207 9.51 -8.05 -8.12
C GLY B 207 9.29 -9.54 -8.17
N TYR B 208 8.04 -10.01 -7.98
CA TYR B 208 7.76 -11.42 -8.13
C TYR B 208 8.01 -11.88 -9.56
N GLU B 209 8.43 -13.14 -9.68
CA GLU B 209 8.74 -13.75 -10.97
C GLU B 209 7.58 -14.67 -11.34
N CYS B 210 6.88 -14.34 -12.41
CA CYS B 210 5.58 -14.91 -12.69
C CYS B 210 5.53 -15.71 -13.99
N LEU B 211 4.86 -16.85 -13.93
CA LEU B 211 4.62 -17.72 -15.07
C LEU B 211 3.14 -17.83 -15.26
N LEU B 212 2.66 -17.50 -16.46
N LEU B 212 2.66 -17.50 -16.46
CA LEU B 212 1.26 -17.67 -16.79
CA LEU B 212 1.26 -17.67 -16.79
C LEU B 212 1.13 -18.98 -17.55
C LEU B 212 1.13 -18.98 -17.55
N LEU B 213 0.22 -19.84 -17.10
CA LEU B 213 -0.05 -21.11 -17.81
C LEU B 213 -1.21 -20.90 -18.75
N GLU B 214 -0.94 -20.86 -20.06
N GLU B 214 -0.94 -20.85 -20.06
CA GLU B 214 -1.95 -20.44 -21.03
CA GLU B 214 -1.95 -20.44 -21.04
C GLU B 214 -3.12 -21.37 -21.15
C GLU B 214 -3.13 -21.36 -21.15
N ASP B 215 -2.95 -22.66 -20.91
CA ASP B 215 -4.09 -23.61 -20.94
C ASP B 215 -4.84 -23.70 -19.62
N CYS B 216 -4.36 -22.98 -18.60
CA CYS B 216 -4.95 -22.95 -17.28
C CYS B 216 -5.63 -21.61 -17.01
N CYS B 217 -5.84 -20.82 -18.04
N CYS B 217 -5.82 -20.82 -18.05
CA CYS B 217 -6.62 -19.59 -17.96
CA CYS B 217 -6.59 -19.58 -17.97
C CYS B 217 -7.58 -19.54 -19.13
C CYS B 217 -7.57 -19.53 -19.12
N GLY B 218 -8.57 -18.66 -19.00
CA GLY B 218 -9.52 -18.44 -20.08
C GLY B 218 -10.27 -17.15 -19.88
N ALA B 219 -10.91 -16.72 -20.94
CA ALA B 219 -11.80 -15.56 -20.89
C ALA B 219 -12.97 -15.95 -21.84
N THR B 220 -14.11 -15.31 -21.65
CA THR B 220 -15.26 -15.50 -22.51
C THR B 220 -15.08 -14.81 -23.87
N ASP B 221 -14.04 -14.03 -24.08
CA ASP B 221 -13.62 -13.65 -25.45
C ASP B 221 -12.23 -14.21 -25.71
N TYR B 222 -12.17 -15.17 -26.62
CA TYR B 222 -10.93 -15.89 -26.85
C TYR B 222 -9.83 -14.98 -27.39
N GLY B 223 -10.20 -14.00 -28.22
CA GLY B 223 -9.25 -13.02 -28.72
C GLY B 223 -8.59 -12.25 -27.61
N ASN B 224 -9.37 -11.82 -26.60
CA ASN B 224 -8.82 -11.10 -25.46
C ASN B 224 -7.89 -12.00 -24.65
N HIS B 225 -8.24 -13.26 -24.51
CA HIS B 225 -7.36 -14.23 -23.85
C HIS B 225 -6.00 -14.30 -24.58
N LEU B 226 -6.05 -14.49 -25.91
CA LEU B 226 -4.82 -14.60 -26.69
C LEU B 226 -3.99 -13.34 -26.60
N ALA B 227 -4.66 -12.18 -26.65
CA ALA B 227 -3.92 -10.90 -26.62
C ALA B 227 -3.28 -10.67 -25.27
N ALA B 228 -3.98 -11.03 -24.20
CA ALA B 228 -3.41 -10.85 -22.85
C ALA B 228 -2.15 -11.66 -22.67
N ILE B 229 -2.17 -12.85 -23.25
CA ILE B 229 -0.97 -13.72 -23.24
C ILE B 229 0.15 -13.12 -24.07
N LYS B 230 -0.15 -12.64 -25.27
CA LYS B 230 0.87 -12.01 -26.10
C LYS B 230 1.54 -10.83 -25.38
N MET B 231 0.71 -10.05 -24.67
CA MET B 231 1.24 -8.88 -23.97
C MET B 231 2.34 -9.22 -22.96
N VAL B 232 2.24 -10.37 -22.34
CA VAL B 232 3.21 -10.82 -21.36
C VAL B 232 4.61 -10.96 -21.97
N LYS B 233 4.62 -11.43 -23.21
CA LYS B 233 5.87 -11.90 -23.84
C LYS B 233 6.70 -10.80 -24.44
N MET B 234 6.11 -9.63 -24.68
CA MET B 234 6.82 -8.55 -25.39
C MET B 234 7.97 -8.00 -24.55
N GLN B 235 8.91 -7.33 -25.20
CA GLN B 235 10.03 -6.69 -24.49
C GLN B 235 10.82 -7.69 -23.64
N GLY B 236 11.00 -8.90 -24.12
CA GLY B 236 11.75 -9.89 -23.40
C GLY B 236 11.06 -10.47 -22.16
N GLY B 237 9.72 -10.43 -22.18
CA GLY B 237 8.92 -10.97 -21.08
C GLY B 237 8.60 -9.90 -20.06
N VAL B 238 7.97 -8.82 -20.53
CA VAL B 238 7.75 -7.65 -19.71
C VAL B 238 7.02 -7.96 -18.41
N PHE B 239 6.10 -8.91 -18.42
CA PHE B 239 5.38 -9.30 -17.19
C PHE B 239 5.76 -10.66 -16.64
N GLY B 240 6.68 -11.35 -17.30
CA GLY B 240 7.07 -12.71 -16.92
C GLY B 240 7.12 -13.57 -18.16
N SER B 241 6.76 -14.83 -18.02
CA SER B 241 6.88 -15.80 -19.10
C SER B 241 5.63 -16.63 -19.14
N VAL B 242 5.45 -17.41 -20.21
CA VAL B 242 4.21 -18.16 -20.49
C VAL B 242 4.55 -19.62 -20.79
N SER B 243 3.82 -20.54 -20.20
CA SER B 243 4.00 -21.97 -20.50
C SER B 243 2.68 -22.68 -20.44
N ASN B 244 2.68 -23.98 -20.27
CA ASN B 244 1.46 -24.77 -20.25
C ASN B 244 1.56 -25.84 -19.20
N SER B 245 0.42 -26.41 -18.86
CA SER B 245 0.32 -27.39 -17.79
C SER B 245 1.23 -28.61 -18.02
N ALA B 246 1.30 -29.07 -19.27
CA ALA B 246 2.11 -30.28 -19.52
C ALA B 246 3.57 -30.00 -19.27
N ALA B 247 4.06 -28.88 -19.76
CA ALA B 247 5.47 -28.50 -19.57
C ALA B 247 5.78 -28.28 -18.10
N LEU B 248 4.84 -27.67 -17.38
CA LEU B 248 5.04 -27.46 -15.95
C LEU B 248 5.13 -28.79 -15.19
N VAL B 249 4.14 -29.65 -15.37
CA VAL B 249 4.07 -30.89 -14.61
C VAL B 249 5.29 -31.76 -14.96
N GLU B 250 5.72 -31.73 -16.21
CA GLU B 250 6.85 -32.58 -16.64
C GLU B 250 8.16 -32.18 -15.95
N ALA B 251 8.38 -30.89 -15.75
CA ALA B 251 9.66 -30.37 -15.26
C ALA B 251 9.64 -29.88 -13.83
N LEU B 252 8.49 -29.93 -13.16
CA LEU B 252 8.42 -29.38 -11.80
C LEU B 252 9.31 -30.17 -10.84
N PRO B 253 10.25 -29.50 -10.13
CA PRO B 253 11.12 -30.30 -9.21
C PRO B 253 10.38 -30.84 -7.97
N VAL C 25 -33.09 24.78 -20.56
CA VAL C 25 -32.81 23.85 -19.37
C VAL C 25 -31.32 23.55 -19.34
N GLU C 26 -30.69 23.83 -18.21
CA GLU C 26 -29.28 23.61 -18.01
C GLU C 26 -29.09 22.52 -16.95
N THR C 27 -27.96 21.83 -17.06
CA THR C 27 -27.60 20.80 -16.11
C THR C 27 -26.13 20.99 -15.76
N ASN C 28 -25.78 20.65 -14.53
CA ASN C 28 -24.38 20.56 -14.21
C ASN C 28 -23.85 19.18 -14.43
N ARG C 29 -24.60 18.23 -14.99
CA ARG C 29 -24.01 16.97 -15.43
C ARG C 29 -23.45 17.17 -16.82
N HIS C 30 -22.27 16.62 -17.08
CA HIS C 30 -21.66 16.70 -18.37
C HIS C 30 -21.04 15.36 -18.68
N PHE C 31 -21.15 14.96 -19.93
CA PHE C 31 -20.63 13.68 -20.42
C PHE C 31 -19.80 13.89 -21.67
N ILE C 32 -18.86 12.97 -21.84
CA ILE C 32 -18.09 12.79 -23.07
C ILE C 32 -18.62 11.56 -23.76
N ASP C 33 -18.87 11.66 -25.07
CA ASP C 33 -19.32 10.53 -25.83
C ASP C 33 -18.18 9.51 -25.75
N ALA C 34 -18.56 8.32 -25.39
CA ALA C 34 -17.58 7.26 -25.05
C ALA C 34 -18.23 5.91 -25.16
N ASP C 35 -17.38 4.89 -25.25
CA ASP C 35 -17.79 3.51 -25.48
C ASP C 35 -17.21 2.68 -24.32
N PRO C 36 -18.01 1.99 -23.52
CA PRO C 36 -19.38 1.60 -23.82
C PRO C 36 -20.44 2.45 -23.18
N TYR C 37 -20.05 3.47 -22.43
CA TYR C 37 -21.05 4.34 -21.79
C TYR C 37 -20.56 5.78 -21.76
N PRO C 38 -21.49 6.75 -21.72
CA PRO C 38 -21.03 8.15 -21.67
C PRO C 38 -20.33 8.46 -20.37
N TRP C 39 -19.21 9.17 -20.46
CA TRP C 39 -18.26 9.26 -19.34
C TRP C 39 -18.18 10.66 -18.79
N PRO C 40 -17.97 10.83 -17.49
CA PRO C 40 -17.96 9.83 -16.44
C PRO C 40 -19.35 9.30 -16.16
N TYR C 41 -19.45 8.16 -15.50
CA TYR C 41 -20.72 7.44 -15.37
C TYR C 41 -21.85 8.31 -14.82
N ASN C 42 -21.50 9.16 -13.87
CA ASN C 42 -22.44 10.04 -13.16
C ASN C 42 -22.48 11.47 -13.66
N GLY C 43 -21.74 11.79 -14.70
CA GLY C 43 -21.74 13.14 -15.25
C GLY C 43 -21.09 14.21 -14.38
N ALA C 44 -20.36 13.80 -13.34
CA ALA C 44 -19.71 14.75 -12.45
C ALA C 44 -18.34 15.14 -12.94
N LEU C 45 -18.30 15.91 -14.02
CA LEU C 45 -17.11 16.27 -14.74
C LEU C 45 -16.79 17.72 -14.56
N ARG C 46 -15.80 18.00 -13.73
CA ARG C 46 -15.39 19.36 -13.41
C ARG C 46 -13.88 19.47 -13.37
N PRO C 47 -13.35 20.69 -13.57
CA PRO C 47 -11.93 20.87 -13.39
C PRO C 47 -11.37 20.43 -12.04
N ASP C 48 -12.11 20.63 -10.97
CA ASP C 48 -11.60 20.38 -9.65
C ASP C 48 -11.52 18.89 -9.31
N ASN C 49 -12.27 18.04 -10.01
CA ASN C 49 -12.32 16.61 -9.65
C ASN C 49 -11.78 15.70 -10.74
N THR C 50 -11.15 16.27 -11.75
CA THR C 50 -10.73 15.53 -12.95
C THR C 50 -9.31 15.83 -13.29
N ALA C 51 -8.52 14.79 -13.54
CA ALA C 51 -7.15 14.89 -13.99
C ALA C 51 -6.90 14.24 -15.31
N LEU C 52 -6.08 14.89 -16.12
CA LEU C 52 -5.39 14.23 -17.23
C LEU C 52 -4.14 13.59 -16.66
N ILE C 53 -3.84 12.35 -17.05
CA ILE C 53 -2.53 11.76 -16.79
C ILE C 53 -1.88 11.43 -18.12
N ILE C 54 -0.65 11.90 -18.29
CA ILE C 54 0.17 11.59 -19.45
C ILE C 54 1.27 10.64 -19.02
N ILE C 55 1.15 9.41 -19.47
CA ILE C 55 2.02 8.31 -19.02
C ILE C 55 3.22 8.09 -19.91
N ASP C 56 4.40 8.30 -19.35
CA ASP C 56 5.66 7.79 -19.88
C ASP C 56 6.02 8.27 -21.32
N MET C 57 5.70 9.53 -21.61
CA MET C 57 6.06 10.11 -22.92
C MET C 57 7.51 10.61 -22.84
N GLN C 58 8.41 9.63 -22.77
CA GLN C 58 9.83 9.85 -22.49
C GLN C 58 10.60 9.49 -23.75
N THR C 59 11.75 10.08 -23.94
CA THR C 59 12.62 9.62 -25.09
C THR C 59 12.91 8.10 -25.05
N ASP C 60 13.19 7.55 -23.90
CA ASP C 60 13.23 6.08 -23.72
C ASP C 60 12.05 5.23 -24.32
N PHE C 61 10.84 5.74 -24.28
CA PHE C 61 9.70 5.03 -24.85
C PHE C 61 9.35 5.39 -26.29
N CYS C 62 9.71 6.58 -26.77
CA CYS C 62 9.23 7.05 -28.08
C CYS C 62 10.24 7.81 -28.91
N GLY C 63 11.50 7.78 -28.50
CA GLY C 63 12.56 8.49 -29.17
C GLY C 63 13.68 7.56 -29.64
N LYS C 64 14.40 8.06 -30.65
CA LYS C 64 15.60 7.36 -31.16
C LYS C 64 16.61 7.22 -30.02
N GLY C 65 17.17 6.03 -29.94
CA GLY C 65 18.25 5.70 -29.04
C GLY C 65 17.79 5.27 -27.66
N GLY C 66 16.51 5.33 -27.39
CA GLY C 66 16.01 4.89 -26.12
C GLY C 66 15.84 3.39 -26.00
N TYR C 67 15.47 2.94 -24.78
CA TYR C 67 15.07 1.54 -24.47
C TYR C 67 14.23 0.84 -25.57
N VAL C 68 13.12 1.52 -25.94
CA VAL C 68 12.20 0.90 -26.88
C VAL C 68 12.84 0.76 -28.26
N ASP C 69 13.58 1.78 -28.66
CA ASP C 69 14.31 1.72 -29.95
C ASP C 69 15.34 0.60 -29.90
N HIS C 70 16.09 0.50 -28.81
CA HIS C 70 17.06 -0.62 -28.57
C HIS C 70 16.46 -2.02 -28.71
N MET C 71 15.21 -2.18 -28.28
CA MET C 71 14.51 -3.48 -28.45
C MET C 71 14.01 -3.78 -29.88
N GLY C 72 14.13 -2.83 -30.78
CA GLY C 72 13.82 -3.05 -32.21
C GLY C 72 12.44 -2.61 -32.62
N TYR C 73 11.64 -2.06 -31.70
CA TYR C 73 10.24 -1.80 -32.03
C TYR C 73 10.07 -0.60 -32.95
N ASP C 74 8.92 -0.50 -33.59
CA ASP C 74 8.64 0.57 -34.56
C ASP C 74 8.23 1.86 -33.80
N LEU C 75 9.11 2.86 -33.84
CA LEU C 75 8.77 4.12 -33.15
C LEU C 75 7.55 4.85 -33.66
N SER C 76 7.17 4.68 -34.92
CA SER C 76 5.99 5.40 -35.40
C SER C 76 4.70 5.12 -34.58
N LEU C 77 4.59 3.89 -34.06
CA LEU C 77 3.41 3.51 -33.28
C LEU C 77 3.31 4.28 -31.95
N VAL C 78 4.46 4.58 -31.35
CA VAL C 78 4.47 5.32 -30.06
C VAL C 78 4.62 6.80 -30.23
N GLN C 79 4.97 7.27 -31.45
CA GLN C 79 4.92 8.70 -31.75
C GLN C 79 3.57 9.19 -32.21
N ALA C 80 2.73 8.30 -32.74
CA ALA C 80 1.42 8.65 -33.23
C ALA C 80 0.58 9.45 -32.22
N PRO C 81 0.63 9.06 -30.92
CA PRO C 81 -0.20 9.84 -29.98
C PRO C 81 0.28 11.22 -29.59
N ILE C 82 1.48 11.63 -30.02
CA ILE C 82 2.04 12.90 -29.55
C ILE C 82 1.13 14.10 -29.86
N GLU C 83 0.74 14.25 -31.14
CA GLU C 83 -0.08 15.43 -31.48
C GLU C 83 -1.46 15.43 -30.84
N PRO C 84 -2.16 14.27 -30.83
CA PRO C 84 -3.43 14.23 -30.09
C PRO C 84 -3.27 14.56 -28.59
N ILE C 85 -2.23 14.04 -27.96
CA ILE C 85 -2.00 14.40 -26.54
C ILE C 85 -1.78 15.88 -26.40
N LYS C 86 -0.96 16.46 -27.29
CA LYS C 86 -0.69 17.90 -27.21
C LYS C 86 -1.98 18.70 -27.23
N ARG C 87 -2.92 18.31 -28.08
CA ARG C 87 -4.20 19.01 -28.18
C ARG C 87 -5.04 18.88 -26.90
N VAL C 88 -5.08 17.68 -26.36
CA VAL C 88 -5.83 17.45 -25.11
C VAL C 88 -5.19 18.22 -23.95
N LEU C 89 -3.86 18.17 -23.87
CA LEU C 89 -3.11 18.87 -22.86
C LEU C 89 -3.38 20.40 -22.91
N ALA C 90 -3.34 20.94 -24.13
CA ALA C 90 -3.61 22.37 -24.25
C ALA C 90 -5.01 22.74 -23.80
N ALA C 91 -5.99 21.93 -24.20
CA ALA C 91 -7.40 22.20 -23.88
C ALA C 91 -7.63 22.08 -22.35
N MET C 92 -7.06 21.07 -21.75
CA MET C 92 -7.24 20.87 -20.33
C MET C 92 -6.50 21.88 -19.47
N ARG C 93 -5.32 22.31 -19.90
CA ARG C 93 -4.63 23.40 -19.25
C ARG C 93 -5.46 24.70 -19.31
N ALA C 94 -6.00 24.99 -20.49
CA ALA C 94 -6.76 26.22 -20.67
C ALA C 94 -7.99 26.28 -19.77
N LYS C 95 -8.60 25.13 -19.48
CA LYS C 95 -9.80 25.05 -18.64
C LYS C 95 -9.54 24.74 -17.16
N GLY C 96 -8.26 24.69 -16.80
CA GLY C 96 -7.85 24.56 -15.42
C GLY C 96 -8.02 23.20 -14.77
N TYR C 97 -7.99 22.15 -15.60
CA TYR C 97 -8.04 20.76 -15.09
C TYR C 97 -6.72 20.42 -14.45
N HIS C 98 -6.73 19.43 -13.55
CA HIS C 98 -5.50 18.90 -12.98
C HIS C 98 -4.75 18.13 -14.07
N ILE C 99 -3.44 18.33 -14.11
CA ILE C 99 -2.58 17.65 -15.08
C ILE C 99 -1.52 16.91 -14.30
N ILE C 100 -1.38 15.62 -14.58
CA ILE C 100 -0.37 14.76 -13.95
C ILE C 100 0.44 14.08 -15.05
N HIS C 101 1.73 13.92 -14.82
CA HIS C 101 2.62 13.25 -15.74
C HIS C 101 3.30 12.10 -15.00
N THR C 102 3.66 11.03 -15.72
CA THR C 102 4.44 9.98 -15.11
C THR C 102 5.67 9.68 -15.95
N ARG C 103 6.73 9.24 -15.26
CA ARG C 103 7.96 8.73 -15.90
C ARG C 103 8.34 7.41 -15.29
N GLU C 104 8.53 6.40 -16.11
CA GLU C 104 9.08 5.14 -15.65
C GLU C 104 10.58 5.31 -15.51
N GLY C 105 11.13 4.90 -14.38
CA GLY C 105 12.54 5.00 -14.19
C GLY C 105 12.99 4.57 -12.84
N HIS C 106 14.32 4.46 -12.71
CA HIS C 106 14.94 3.94 -11.49
C HIS C 106 15.90 4.93 -10.87
N ARG C 107 15.98 4.89 -9.56
CA ARG C 107 17.04 5.58 -8.84
C ARG C 107 18.40 5.21 -9.48
N PRO C 108 19.32 6.18 -9.55
CA PRO C 108 20.61 5.89 -10.18
C PRO C 108 21.43 4.79 -9.57
N ASP C 109 21.25 4.48 -8.29
CA ASP C 109 21.90 3.32 -7.69
C ASP C 109 21.15 2.01 -7.86
N LEU C 110 20.00 2.08 -8.58
CA LEU C 110 19.19 0.93 -8.93
C LEU C 110 18.62 0.21 -7.71
N ALA C 111 18.45 0.93 -6.61
CA ALA C 111 17.92 0.28 -5.38
C ALA C 111 16.48 -0.18 -5.50
N ASP C 112 15.74 0.47 -6.40
CA ASP C 112 14.32 0.17 -6.66
C ASP C 112 14.10 -0.71 -7.88
N LEU C 113 15.14 -1.41 -8.32
CA LEU C 113 15.08 -2.19 -9.56
C LEU C 113 15.05 -3.67 -9.25
N PRO C 114 13.88 -4.33 -9.48
CA PRO C 114 13.87 -5.76 -9.27
C PRO C 114 14.86 -6.52 -10.15
N ALA C 115 15.43 -7.58 -9.59
CA ALA C 115 16.44 -8.34 -10.33
C ALA C 115 15.88 -8.94 -11.62
N ASN C 116 14.65 -9.42 -11.59
CA ASN C 116 14.08 -10.00 -12.81
C ASN C 116 13.88 -8.95 -13.90
N LYS C 117 13.39 -7.78 -13.54
CA LYS C 117 13.22 -6.68 -14.47
C LYS C 117 14.56 -6.34 -15.13
N ARG C 118 15.60 -6.22 -14.32
CA ARG C 118 16.92 -5.91 -14.84
C ARG C 118 17.40 -7.01 -15.81
N TRP C 119 17.31 -8.26 -15.38
CA TRP C 119 17.79 -9.40 -16.18
C TRP C 119 17.12 -9.45 -17.55
N ARG C 120 15.79 -9.25 -17.57
CA ARG C 120 15.06 -9.31 -18.84
C ARG C 120 15.56 -8.23 -19.79
N SER C 121 15.77 -7.03 -19.25
CA SER C 121 16.17 -5.87 -20.05
C SER C 121 17.57 -6.12 -20.63
N GLN C 122 18.43 -6.73 -19.84
CA GLN C 122 19.81 -7.07 -20.32
C GLN C 122 19.77 -8.10 -21.43
N ARG C 123 18.90 -9.08 -21.27
N ARG C 123 18.90 -9.08 -21.27
CA ARG C 123 18.81 -10.21 -22.21
CA ARG C 123 18.81 -10.21 -22.21
C ARG C 123 18.40 -9.75 -23.61
C ARG C 123 18.38 -9.75 -23.60
N ILE C 124 17.56 -8.71 -23.69
CA ILE C 124 17.13 -8.18 -24.99
C ILE C 124 18.01 -7.03 -25.50
N GLY C 125 19.13 -6.75 -24.81
CA GLY C 125 20.05 -5.71 -25.26
C GLY C 125 19.65 -4.28 -24.97
N ALA C 126 18.87 -4.05 -23.91
CA ALA C 126 18.47 -2.71 -23.52
C ALA C 126 18.49 -2.65 -21.97
N GLY C 127 19.63 -3.00 -21.40
CA GLY C 127 19.77 -3.17 -19.97
C GLY C 127 19.52 -1.89 -19.18
N ILE C 128 18.62 -1.96 -18.21
CA ILE C 128 18.33 -0.82 -17.36
C ILE C 128 19.59 -0.44 -16.58
N GLY C 129 19.92 0.84 -16.65
CA GLY C 129 21.12 1.38 -16.06
C GLY C 129 22.36 1.31 -16.96
N ASP C 130 22.28 0.54 -18.02
CA ASP C 130 23.43 0.39 -18.95
C ASP C 130 23.55 1.66 -19.82
N PRO C 131 24.77 1.98 -20.27
CA PRO C 131 24.92 3.18 -21.10
C PRO C 131 24.22 3.02 -22.43
N GLY C 132 23.53 4.04 -22.83
CA GLY C 132 22.87 4.09 -24.13
C GLY C 132 23.19 5.40 -24.82
N PRO C 133 22.67 5.60 -26.03
CA PRO C 133 22.84 6.82 -26.80
C PRO C 133 22.28 8.04 -26.11
N CYS C 134 21.31 7.87 -25.20
CA CYS C 134 20.74 9.01 -24.48
C CYS C 134 20.99 8.96 -22.96
N GLY C 135 22.04 8.24 -22.54
CA GLY C 135 22.40 8.13 -21.16
C GLY C 135 22.05 6.72 -20.68
N ARG C 136 22.11 6.54 -19.36
CA ARG C 136 21.80 5.25 -18.80
C ARG C 136 20.28 4.96 -18.99
N ILE C 137 19.99 3.76 -19.46
CA ILE C 137 18.66 3.39 -19.86
C ILE C 137 17.72 3.35 -18.62
N LEU C 138 16.59 4.02 -18.73
CA LEU C 138 15.51 4.03 -17.72
C LEU C 138 16.01 4.49 -16.37
N THR C 139 17.01 5.38 -16.36
CA THR C 139 17.64 5.83 -15.13
C THR C 139 17.31 7.27 -14.88
N ARG C 140 16.78 7.58 -13.69
CA ARG C 140 16.38 8.92 -13.37
C ARG C 140 17.58 9.90 -13.47
N GLY C 141 17.25 11.06 -13.99
CA GLY C 141 18.22 12.14 -14.23
C GLY C 141 18.94 12.09 -15.56
N GLU C 142 18.74 11.06 -16.36
CA GLU C 142 19.43 10.89 -17.66
C GLU C 142 18.59 11.52 -18.75
N PRO C 143 19.23 11.98 -19.83
CA PRO C 143 18.47 12.64 -20.88
C PRO C 143 17.35 11.81 -21.49
N GLY C 144 17.61 10.55 -21.78
CA GLY C 144 16.64 9.72 -22.44
C GLY C 144 15.40 9.43 -21.56
N TRP C 145 15.60 9.49 -20.26
CA TRP C 145 14.53 9.22 -19.32
C TRP C 145 13.54 10.35 -19.21
N ASP C 146 13.92 11.58 -19.55
CA ASP C 146 12.99 12.69 -19.35
C ASP C 146 11.89 12.74 -20.39
N ILE C 147 10.82 13.42 -20.00
CA ILE C 147 9.67 13.64 -20.86
C ILE C 147 10.08 14.47 -22.10
N ILE C 148 9.50 14.11 -23.22
CA ILE C 148 9.81 14.81 -24.48
C ILE C 148 9.41 16.27 -24.42
N PRO C 149 10.19 17.15 -25.09
CA PRO C 149 9.86 18.57 -25.00
C PRO C 149 8.48 18.98 -25.43
N GLU C 150 7.90 18.28 -26.40
CA GLU C 150 6.60 18.62 -26.95
C GLU C 150 5.46 18.45 -25.95
N LEU C 151 5.69 17.64 -24.90
CA LEU C 151 4.68 17.39 -23.86
C LEU C 151 5.24 17.69 -22.48
N TYR C 152 6.13 18.67 -22.38
CA TYR C 152 6.85 18.86 -21.12
C TYR C 152 5.95 19.45 -20.06
N PRO C 153 6.12 19.02 -18.79
CA PRO C 153 5.32 19.62 -17.73
C PRO C 153 5.61 21.11 -17.49
N ILE C 154 4.62 21.81 -16.95
CA ILE C 154 4.79 23.13 -16.44
C ILE C 154 4.57 23.16 -14.94
N GLU C 155 4.93 24.28 -14.32
CA GLU C 155 4.79 24.38 -12.88
C GLU C 155 3.39 24.10 -12.43
N GLY C 156 3.26 23.36 -11.31
CA GLY C 156 1.94 23.02 -10.76
C GLY C 156 1.38 21.69 -11.26
N GLU C 157 2.09 21.05 -12.20
CA GLU C 157 1.67 19.77 -12.75
C GLU C 157 2.50 18.67 -12.09
N THR C 158 1.85 17.84 -11.30
CA THR C 158 2.61 16.82 -10.55
C THR C 158 3.23 15.79 -11.48
N ILE C 159 4.51 15.48 -11.25
CA ILE C 159 5.18 14.41 -11.96
C ILE C 159 5.43 13.23 -11.01
N ILE C 160 4.97 12.06 -11.42
CA ILE C 160 5.21 10.83 -10.69
C ILE C 160 6.36 10.10 -11.29
N ASP C 161 7.30 9.70 -10.46
CA ASP C 161 8.41 8.84 -10.86
C ASP C 161 8.18 7.43 -10.38
N ALA C 162 7.93 6.53 -11.32
CA ALA C 162 7.44 5.19 -11.07
C ALA C 162 8.48 4.14 -11.39
N PRO C 163 8.78 3.25 -10.45
CA PRO C 163 9.67 2.12 -10.72
C PRO C 163 8.99 0.91 -11.34
N GLY C 164 7.70 0.96 -11.49
CA GLY C 164 6.94 -0.09 -12.11
C GLY C 164 6.18 0.39 -13.35
N LYS C 165 5.48 -0.57 -13.92
CA LYS C 165 4.61 -0.29 -15.06
C LYS C 165 3.32 0.38 -14.64
N GLY C 166 2.82 0.05 -13.47
CA GLY C 166 1.69 0.78 -12.92
C GLY C 166 2.19 1.96 -12.10
N SER C 167 1.61 3.12 -12.33
CA SER C 167 2.10 4.35 -11.73
C SER C 167 1.75 4.48 -10.24
N PHE C 168 0.89 3.62 -9.71
CA PHE C 168 0.59 3.64 -8.27
C PHE C 168 1.63 2.93 -7.42
N CYS C 169 2.26 1.87 -7.93
CA CYS C 169 3.11 1.03 -7.14
C CYS C 169 4.32 1.78 -6.62
N ALA C 170 4.46 1.87 -5.31
CA ALA C 170 5.63 2.45 -4.66
C ALA C 170 5.81 3.95 -4.94
N THR C 171 4.70 4.63 -5.26
CA THR C 171 4.72 6.06 -5.48
C THR C 171 3.74 6.78 -4.56
N ASP C 172 3.74 8.11 -4.66
CA ASP C 172 2.77 8.95 -3.94
C ASP C 172 1.56 9.35 -4.79
N LEU C 173 1.32 8.66 -5.91
CA LEU C 173 0.23 9.05 -6.79
C LEU C 173 -1.10 9.00 -6.06
N GLU C 174 -1.37 7.90 -5.35
CA GLU C 174 -2.69 7.82 -4.69
C GLU C 174 -2.88 8.90 -3.61
N LEU C 175 -1.81 9.15 -2.83
CA LEU C 175 -1.85 10.23 -1.83
C LEU C 175 -2.17 11.57 -2.47
N VAL C 176 -1.53 11.86 -3.61
CA VAL C 176 -1.74 13.12 -4.32
C VAL C 176 -3.15 13.20 -4.86
N LEU C 177 -3.65 12.14 -5.48
CA LEU C 177 -5.02 12.15 -6.00
C LEU C 177 -6.03 12.39 -4.86
N ASN C 178 -5.77 11.76 -3.71
CA ASN C 178 -6.65 11.91 -2.56
C ASN C 178 -6.63 13.38 -2.07
N GLN C 179 -5.45 13.99 -1.97
CA GLN C 179 -5.41 15.38 -1.45
C GLN C 179 -6.04 16.37 -2.44
N LYS C 180 -5.93 16.08 -3.72
CA LYS C 180 -6.52 16.90 -4.79
C LYS C 180 -8.03 16.62 -4.95
N ARG C 181 -8.57 15.59 -4.28
CA ARG C 181 -9.96 15.20 -4.38
C ARG C 181 -10.35 14.85 -5.80
N ILE C 182 -9.46 14.12 -6.48
CA ILE C 182 -9.70 13.72 -7.85
C ILE C 182 -10.59 12.48 -7.85
N GLU C 183 -11.63 12.51 -8.68
N GLU C 183 -11.63 12.51 -8.68
CA GLU C 183 -12.54 11.37 -8.87
CA GLU C 183 -12.54 11.37 -8.87
C GLU C 183 -12.41 10.72 -10.25
C GLU C 183 -12.41 10.72 -10.25
N ASN C 184 -12.08 11.53 -11.25
CA ASN C 184 -12.08 11.12 -12.66
C ASN C 184 -10.67 11.27 -13.20
N ILE C 185 -10.21 10.29 -13.98
CA ILE C 185 -8.90 10.30 -14.58
C ILE C 185 -9.03 10.04 -16.08
N ILE C 186 -8.39 10.88 -16.88
CA ILE C 186 -8.32 10.69 -18.34
C ILE C 186 -6.91 10.24 -18.64
N LEU C 187 -6.80 9.04 -19.22
CA LEU C 187 -5.51 8.39 -19.45
C LEU C 187 -5.04 8.53 -20.89
N THR C 188 -3.77 8.91 -21.01
CA THR C 188 -3.08 9.04 -22.28
C THR C 188 -1.66 8.57 -22.08
N GLY C 189 -0.96 8.29 -23.18
CA GLY C 189 0.46 7.98 -23.08
C GLY C 189 0.82 6.60 -23.62
N ILE C 190 1.95 6.08 -23.21
CA ILE C 190 2.46 4.86 -23.78
C ILE C 190 3.05 3.94 -22.69
N THR C 191 3.17 2.64 -22.95
CA THR C 191 2.44 1.95 -24.02
C THR C 191 1.05 1.52 -23.54
N THR C 192 0.13 1.39 -24.50
CA THR C 192 -1.25 1.13 -24.20
C THR C 192 -1.47 -0.10 -23.34
N ASP C 193 -0.78 -1.17 -23.72
CA ASP C 193 -0.97 -2.47 -23.10
C ASP C 193 -0.12 -2.70 -21.88
N VAL C 194 0.91 -1.89 -21.66
CA VAL C 194 1.83 -2.11 -20.51
C VAL C 194 1.53 -1.00 -19.49
N CYS C 195 2.11 0.18 -19.59
CA CYS C 195 2.01 1.15 -18.53
C CYS C 195 0.59 1.77 -18.44
N VAL C 196 -0.03 2.08 -19.56
CA VAL C 196 -1.31 2.74 -19.53
C VAL C 196 -2.37 1.81 -18.95
N SER C 197 -2.46 0.59 -19.49
CA SER C 197 -3.42 -0.39 -19.01
C SER C 197 -3.20 -0.70 -17.51
N THR C 198 -1.94 -0.88 -17.15
CA THR C 198 -1.65 -1.24 -15.73
C THR C 198 -2.15 -0.10 -14.80
N THR C 199 -1.82 1.14 -15.12
CA THR C 199 -2.22 2.24 -14.30
C THR C 199 -3.75 2.41 -14.26
N MET C 200 -4.41 2.17 -15.38
CA MET C 200 -5.86 2.21 -15.44
C MET C 200 -6.49 1.18 -14.53
N ARG C 201 -5.94 -0.04 -14.55
CA ARG C 201 -6.44 -1.12 -13.74
C ARG C 201 -6.28 -0.80 -12.25
N GLU C 202 -5.13 -0.25 -11.90
CA GLU C 202 -4.86 0.11 -10.48
C GLU C 202 -5.85 1.17 -10.02
N ALA C 203 -6.01 2.21 -10.83
CA ALA C 203 -6.89 3.32 -10.49
C ALA C 203 -8.33 2.82 -10.37
N ASN C 204 -8.76 2.04 -11.34
CA ASN C 204 -10.11 1.54 -11.36
C ASN C 204 -10.46 0.70 -10.12
N ASP C 205 -9.52 -0.13 -9.70
CA ASP C 205 -9.76 -0.98 -8.53
C ASP C 205 -10.00 -0.17 -7.28
N ARG C 206 -9.41 1.01 -7.21
CA ARG C 206 -9.52 1.87 -6.06
C ARG C 206 -10.74 2.77 -6.11
N GLY C 207 -11.47 2.73 -7.22
CA GLY C 207 -12.72 3.48 -7.37
C GLY C 207 -12.66 4.70 -8.27
N TYR C 208 -11.48 5.03 -8.78
CA TYR C 208 -11.37 6.12 -9.76
C TYR C 208 -12.16 5.78 -11.02
N GLU C 209 -12.72 6.83 -11.64
CA GLU C 209 -13.52 6.67 -12.85
C GLU C 209 -12.66 7.13 -14.03
N CYS C 210 -12.34 6.17 -14.92
CA CYS C 210 -11.28 6.37 -15.89
C CYS C 210 -11.74 6.33 -17.33
N LEU C 211 -11.20 7.24 -18.12
CA LEU C 211 -11.44 7.34 -19.57
C LEU C 211 -10.13 7.16 -20.28
N LEU C 212 -10.07 6.19 -21.20
N LEU C 212 -10.07 6.21 -21.21
CA LEU C 212 -8.88 6.00 -22.01
CA LEU C 212 -8.88 6.00 -22.01
C LEU C 212 -9.13 6.67 -23.36
C LEU C 212 -9.12 6.66 -23.37
N LEU C 213 -8.21 7.52 -23.79
CA LEU C 213 -8.31 8.19 -25.11
C LEU C 213 -7.51 7.36 -26.12
N GLU C 214 -8.21 6.68 -27.01
N GLU C 214 -8.20 6.67 -27.01
CA GLU C 214 -7.58 5.67 -27.88
CA GLU C 214 -7.59 5.66 -27.88
C GLU C 214 -6.58 6.24 -28.87
C GLU C 214 -6.56 6.24 -28.86
N ASP C 215 -6.78 7.46 -29.34
CA ASP C 215 -5.80 8.11 -30.24
C ASP C 215 -4.64 8.80 -29.54
N CYS C 216 -4.69 8.79 -28.18
CA CYS C 216 -3.68 9.39 -27.36
C CYS C 216 -2.84 8.34 -26.66
N CYS C 217 -2.92 7.10 -27.11
N CYS C 217 -2.93 7.09 -27.09
CA CYS C 217 -2.03 6.03 -26.64
CA CYS C 217 -1.98 6.05 -26.65
C CYS C 217 -1.47 5.28 -27.83
C CYS C 217 -1.47 5.27 -27.84
N GLY C 218 -0.45 4.49 -27.59
CA GLY C 218 0.09 3.56 -28.61
C GLY C 218 0.99 2.53 -28.01
N ALA C 219 1.27 1.46 -28.76
CA ALA C 219 2.03 0.34 -28.22
C ALA C 219 3.06 -0.17 -29.16
N THR C 220 3.81 -1.15 -28.68
CA THR C 220 4.86 -1.80 -29.50
C THR C 220 4.28 -2.68 -30.63
N ASP C 221 3.02 -3.04 -30.50
CA ASP C 221 2.30 -3.88 -31.46
C ASP C 221 0.91 -3.30 -31.53
N TYR C 222 0.44 -2.94 -32.72
CA TYR C 222 -0.84 -2.28 -32.88
C TYR C 222 -1.99 -3.16 -32.45
N GLY C 223 -1.91 -4.47 -32.72
CA GLY C 223 -2.91 -5.41 -32.26
C GLY C 223 -3.05 -5.41 -30.73
N ASN C 224 -1.93 -5.38 -30.03
CA ASN C 224 -1.95 -5.32 -28.56
C ASN C 224 -2.57 -4.00 -28.07
N HIS C 225 -2.28 -2.90 -28.77
CA HIS C 225 -2.92 -1.60 -28.48
C HIS C 225 -4.44 -1.75 -28.59
N LEU C 226 -4.91 -2.27 -29.73
CA LEU C 226 -6.34 -2.40 -29.95
C LEU C 226 -6.98 -3.33 -28.93
N ALA C 227 -6.30 -4.43 -28.58
CA ALA C 227 -6.87 -5.39 -27.64
C ALA C 227 -6.95 -4.78 -26.25
N ALA C 228 -5.93 -4.01 -25.84
CA ALA C 228 -5.95 -3.38 -24.52
C ALA C 228 -7.12 -2.43 -24.39
N ILE C 229 -7.40 -1.71 -25.46
CA ILE C 229 -8.59 -0.84 -25.53
C ILE C 229 -9.88 -1.65 -25.45
N LYS C 230 -10.00 -2.71 -26.22
CA LYS C 230 -11.18 -3.56 -26.20
C LYS C 230 -11.41 -4.13 -24.80
N MET C 231 -10.34 -4.51 -24.10
CA MET C 231 -10.46 -5.06 -22.76
C MET C 231 -11.17 -4.12 -21.78
N VAL C 232 -10.97 -2.83 -21.96
CA VAL C 232 -11.61 -1.81 -21.12
C VAL C 232 -13.12 -1.88 -21.23
N LYS C 233 -13.60 -2.15 -22.45
CA LYS C 233 -15.03 -1.99 -22.77
C LYS C 233 -15.90 -3.17 -22.39
N MET C 234 -15.29 -4.33 -22.14
CA MET C 234 -16.08 -5.54 -21.91
C MET C 234 -16.85 -5.46 -20.59
N GLN C 235 -17.91 -6.27 -20.46
CA GLN C 235 -18.66 -6.33 -19.20
C GLN C 235 -19.19 -4.97 -18.76
N GLY C 236 -19.64 -4.18 -19.72
CA GLY C 236 -20.21 -2.88 -19.37
C GLY C 236 -19.19 -1.82 -18.98
N GLY C 237 -17.94 -1.98 -19.42
CA GLY C 237 -16.89 -1.04 -19.14
C GLY C 237 -16.15 -1.42 -17.89
N VAL C 238 -15.60 -2.64 -17.91
CA VAL C 238 -15.01 -3.21 -16.68
C VAL C 238 -13.92 -2.34 -16.12
N PHE C 239 -13.14 -1.66 -16.94
CA PHE C 239 -12.09 -0.76 -16.44
C PHE C 239 -12.37 0.72 -16.61
N GLY C 240 -13.54 1.07 -17.16
CA GLY C 240 -13.87 2.44 -17.51
C GLY C 240 -14.47 2.50 -18.89
N SER C 241 -14.25 3.62 -19.56
CA SER C 241 -14.79 3.85 -20.90
C SER C 241 -13.71 4.42 -21.78
N VAL C 242 -13.99 4.47 -23.10
CA VAL C 242 -12.99 4.81 -24.10
C VAL C 242 -13.54 5.92 -25.02
N SER C 243 -12.72 6.90 -25.31
CA SER C 243 -13.09 7.95 -26.26
C SER C 243 -11.89 8.39 -27.04
N ASN C 244 -11.93 9.57 -27.62
CA ASN C 244 -10.82 10.06 -28.43
C ASN C 244 -10.63 11.54 -28.19
N SER C 245 -9.51 12.06 -28.64
CA SER C 245 -9.14 13.46 -28.39
C SER C 245 -10.18 14.44 -28.90
N ALA C 246 -10.71 14.18 -30.10
CA ALA C 246 -11.67 15.14 -30.68
C ALA C 246 -12.93 15.20 -29.85
N ALA C 247 -13.45 14.04 -29.46
CA ALA C 247 -14.67 13.98 -28.68
C ALA C 247 -14.47 14.60 -27.30
N LEU C 248 -13.31 14.39 -26.71
CA LEU C 248 -13.01 14.97 -25.41
C LEU C 248 -12.94 16.52 -25.51
N VAL C 249 -12.15 17.02 -26.43
CA VAL C 249 -11.95 18.47 -26.53
C VAL C 249 -13.28 19.14 -26.86
N GLU C 250 -14.08 18.50 -27.69
CA GLU C 250 -15.38 19.10 -28.10
C GLU C 250 -16.35 19.27 -26.94
N ALA C 251 -16.38 18.31 -26.02
CA ALA C 251 -17.37 18.27 -24.96
C ALA C 251 -16.83 18.64 -23.56
N LEU C 252 -15.55 18.92 -23.45
CA LEU C 252 -14.97 19.18 -22.12
C LEU C 252 -15.58 20.46 -21.52
N PRO C 253 -16.18 20.39 -20.31
CA PRO C 253 -16.75 21.65 -19.75
C PRO C 253 -15.68 22.69 -19.33
N ASN D 28 -21.81 26.94 8.74
CA ASN D 28 -22.45 25.69 9.19
C ASN D 28 -21.44 24.73 9.87
N ARG D 29 -20.43 25.33 10.49
CA ARG D 29 -19.32 24.61 11.08
C ARG D 29 -19.71 24.13 12.46
N HIS D 30 -19.18 22.99 12.85
CA HIS D 30 -19.41 22.45 14.18
C HIS D 30 -18.09 21.90 14.71
N PHE D 31 -17.84 22.14 15.98
CA PHE D 31 -16.63 21.71 16.65
C PHE D 31 -16.91 21.02 17.95
N ILE D 32 -15.98 20.14 18.33
CA ILE D 32 -15.90 19.52 19.63
C ILE D 32 -14.75 20.15 20.40
N ASP D 33 -14.96 20.50 21.66
CA ASP D 33 -13.92 21.04 22.47
C ASP D 33 -12.80 19.98 22.56
N ALA D 34 -11.58 20.40 22.27
CA ALA D 34 -10.48 19.44 22.24
C ALA D 34 -9.14 20.14 22.43
N ASP D 35 -8.10 19.35 22.67
CA ASP D 35 -6.76 19.83 22.99
C ASP D 35 -5.81 19.21 21.95
N PRO D 36 -5.11 19.97 21.13
CA PRO D 36 -4.81 21.40 21.37
C PRO D 36 -5.66 22.35 20.55
N TYR D 37 -6.59 21.82 19.74
CA TYR D 37 -7.45 22.70 18.94
C TYR D 37 -8.85 22.12 18.85
N PRO D 38 -9.87 22.96 18.67
CA PRO D 38 -11.24 22.44 18.52
C PRO D 38 -11.37 21.64 17.24
N TRP D 39 -12.04 20.51 17.35
CA TRP D 39 -11.96 19.46 16.32
C TRP D 39 -13.31 19.28 15.65
N PRO D 40 -13.34 18.94 14.34
CA PRO D 40 -12.20 18.86 13.43
C PRO D 40 -11.68 20.23 13.06
N TYR D 41 -10.48 20.31 12.54
CA TYR D 41 -9.79 21.58 12.32
C TYR D 41 -10.64 22.62 11.59
N ASN D 42 -11.37 22.14 10.58
CA ASN D 42 -12.19 23.00 9.71
C ASN D 42 -13.66 23.05 10.05
N GLY D 43 -14.07 22.38 11.12
CA GLY D 43 -15.47 22.36 11.52
C GLY D 43 -16.43 21.63 10.60
N ALA D 44 -15.90 20.81 9.70
CA ALA D 44 -16.75 20.06 8.75
C ALA D 44 -17.13 18.72 9.37
N LEU D 45 -18.04 18.78 10.33
CA LEU D 45 -18.43 17.64 11.14
C LEU D 45 -19.84 17.22 10.85
N ARG D 46 -19.99 16.13 10.11
CA ARG D 46 -21.29 15.61 9.70
C ARG D 46 -21.37 14.11 9.83
N PRO D 47 -22.56 13.55 9.96
CA PRO D 47 -22.69 12.09 9.92
C PRO D 47 -22.09 11.44 8.68
N ASP D 48 -22.21 12.08 7.50
CA ASP D 48 -21.80 11.43 6.28
C ASP D 48 -20.27 11.38 6.10
N ASN D 49 -19.52 12.23 6.81
CA ASN D 49 -18.07 12.30 6.61
C ASN D 49 -17.25 11.92 7.83
N THR D 50 -17.90 11.35 8.85
CA THR D 50 -17.29 11.10 10.13
C THR D 50 -17.57 9.69 10.60
N ALA D 51 -16.52 9.01 11.06
CA ALA D 51 -16.64 7.67 11.62
C ALA D 51 -16.12 7.60 13.03
N LEU D 52 -16.79 6.79 13.84
CA LEU D 52 -16.23 6.24 15.04
C LEU D 52 -15.47 4.99 14.66
N ILE D 53 -14.28 4.80 15.21
CA ILE D 53 -13.62 3.47 15.14
C ILE D 53 -13.38 2.97 16.53
N ILE D 54 -13.81 1.74 16.78
CA ILE D 54 -13.61 1.05 18.07
C ILE D 54 -12.58 -0.05 17.84
N ILE D 55 -11.40 0.17 18.42
CA ILE D 55 -10.24 -0.68 18.13
C ILE D 55 -10.06 -1.79 19.15
N ASP D 56 -10.17 -3.04 18.69
CA ASP D 56 -9.69 -4.20 19.40
C ASP D 56 -10.27 -4.43 20.82
N MET D 57 -11.55 -4.14 20.98
CA MET D 57 -12.22 -4.41 22.29
C MET D 57 -12.66 -5.87 22.33
N GLN D 58 -11.65 -6.75 22.38
CA GLN D 58 -11.81 -8.20 22.20
C GLN D 58 -11.67 -8.90 23.56
N THR D 59 -12.38 -10.00 23.70
CA THR D 59 -12.42 -10.73 24.98
C THR D 59 -11.08 -11.07 25.52
N ASP D 60 -10.16 -11.58 24.73
CA ASP D 60 -8.87 -12.01 25.30
C ASP D 60 -8.06 -10.83 25.87
N PHE D 61 -8.30 -9.64 25.29
CA PHE D 61 -7.59 -8.45 25.68
C PHE D 61 -8.20 -7.70 26.89
N CYS D 62 -9.52 -7.73 27.02
CA CYS D 62 -10.15 -6.94 28.06
C CYS D 62 -11.29 -7.62 28.81
N GLY D 63 -11.52 -8.90 28.54
CA GLY D 63 -12.60 -9.64 29.20
C GLY D 63 -12.15 -10.52 30.35
N LYS D 64 -13.08 -10.67 31.31
CA LYS D 64 -12.86 -11.60 32.43
C LYS D 64 -12.58 -13.00 31.88
N GLY D 65 -11.49 -13.60 32.37
CA GLY D 65 -11.12 -14.94 31.97
C GLY D 65 -10.38 -15.08 30.66
N GLY D 66 -10.10 -13.99 29.99
CA GLY D 66 -9.30 -14.04 28.77
C GLY D 66 -7.80 -14.15 29.10
N TYR D 67 -6.98 -14.27 28.05
CA TYR D 67 -5.54 -14.47 28.26
C TYR D 67 -4.84 -13.34 28.96
N VAL D 68 -5.23 -12.11 28.74
CA VAL D 68 -4.60 -10.97 29.44
C VAL D 68 -4.93 -11.05 30.91
N ASP D 69 -6.17 -11.40 31.25
CA ASP D 69 -6.60 -11.55 32.65
C ASP D 69 -5.74 -12.65 33.26
N HIS D 70 -5.74 -13.81 32.61
CA HIS D 70 -5.03 -14.98 33.19
C HIS D 70 -3.52 -14.78 33.32
N MET D 71 -2.95 -13.92 32.48
CA MET D 71 -1.56 -13.61 32.53
C MET D 71 -1.13 -12.64 33.60
N GLY D 72 -2.09 -12.02 34.33
CA GLY D 72 -1.76 -11.14 35.42
C GLY D 72 -1.50 -9.68 35.05
N TYR D 73 -1.85 -9.29 33.82
CA TYR D 73 -1.76 -7.88 33.48
C TYR D 73 -2.84 -7.04 34.22
N ASP D 74 -2.64 -5.75 34.21
CA ASP D 74 -3.56 -4.84 34.92
C ASP D 74 -4.82 -4.61 34.07
N LEU D 75 -5.68 -5.61 34.03
CA LEU D 75 -6.90 -5.61 33.22
C LEU D 75 -7.85 -4.43 33.49
N SER D 76 -7.85 -3.92 34.72
CA SER D 76 -8.73 -2.80 35.05
C SER D 76 -8.49 -1.58 34.15
N LEU D 77 -7.23 -1.36 33.72
CA LEU D 77 -6.93 -0.23 32.89
C LEU D 77 -7.52 -0.34 31.47
N VAL D 78 -7.64 -1.56 30.96
CA VAL D 78 -8.27 -1.76 29.63
C VAL D 78 -9.77 -1.99 29.71
N GLN D 79 -10.32 -2.26 30.90
CA GLN D 79 -11.74 -2.27 31.07
C GLN D 79 -12.39 -0.90 31.35
N ALA D 80 -11.60 0.02 31.91
CA ALA D 80 -12.05 1.35 32.20
C ALA D 80 -12.78 2.05 31.02
N PRO D 81 -12.24 1.91 29.80
CA PRO D 81 -12.93 2.61 28.68
C PRO D 81 -14.22 2.00 28.19
N ILE D 82 -14.62 0.82 28.67
CA ILE D 82 -15.80 0.16 28.13
C ILE D 82 -17.08 1.03 28.21
N GLU D 83 -17.39 1.51 29.41
CA GLU D 83 -18.63 2.30 29.57
C GLU D 83 -18.60 3.64 28.79
N PRO D 84 -17.49 4.39 28.81
CA PRO D 84 -17.40 5.58 27.95
C PRO D 84 -17.58 5.27 26.45
N ILE D 85 -16.96 4.20 25.98
CA ILE D 85 -17.15 3.82 24.57
C ILE D 85 -18.63 3.48 24.31
N LYS D 86 -19.25 2.75 25.22
N LYS D 86 -19.25 2.70 25.20
CA LYS D 86 -20.66 2.38 25.03
CA LYS D 86 -20.64 2.35 25.07
C LYS D 86 -21.53 3.64 24.85
C LYS D 86 -21.53 3.61 24.88
N ARG D 87 -21.25 4.67 25.64
CA ARG D 87 -22.02 5.92 25.53
C ARG D 87 -21.78 6.63 24.19
N VAL D 88 -20.52 6.67 23.76
CA VAL D 88 -20.20 7.29 22.48
C VAL D 88 -20.83 6.52 21.32
N LEU D 89 -20.72 5.19 21.38
CA LEU D 89 -21.30 4.29 20.39
C LEU D 89 -22.82 4.51 20.26
N ALA D 90 -23.49 4.58 21.40
CA ALA D 90 -24.94 4.79 21.36
C ALA D 90 -25.32 6.13 20.75
N ALA D 91 -24.58 7.17 21.11
CA ALA D 91 -24.84 8.51 20.63
C ALA D 91 -24.59 8.61 19.10
N MET D 92 -23.49 8.01 18.65
CA MET D 92 -23.17 8.07 17.24
C MET D 92 -24.07 7.20 16.37
N ARG D 93 -24.50 6.07 16.88
CA ARG D 93 -25.50 5.26 16.22
C ARG D 93 -26.83 6.02 16.08
N ALA D 94 -27.25 6.65 17.16
CA ALA D 94 -28.53 7.38 17.15
C ALA D 94 -28.53 8.51 16.12
N LYS D 95 -27.38 9.14 15.88
CA LYS D 95 -27.26 10.25 14.92
C LYS D 95 -26.80 9.85 13.53
N GLY D 96 -26.65 8.55 13.31
CA GLY D 96 -26.38 8.00 11.98
C GLY D 96 -24.97 8.21 11.46
N TYR D 97 -24.02 8.31 12.38
CA TYR D 97 -22.59 8.39 12.00
C TYR D 97 -22.13 7.01 11.52
N HIS D 98 -21.05 7.00 10.74
CA HIS D 98 -20.42 5.74 10.38
C HIS D 98 -19.76 5.12 11.60
N ILE D 99 -19.88 3.80 11.73
CA ILE D 99 -19.29 3.08 12.84
C ILE D 99 -18.43 1.98 12.27
N ILE D 100 -17.17 1.94 12.70
CA ILE D 100 -16.21 0.91 12.29
C ILE D 100 -15.62 0.24 13.51
N HIS D 101 -15.37 -1.06 13.41
CA HIS D 101 -14.77 -1.83 14.47
C HIS D 101 -13.55 -2.53 13.93
N THR D 102 -12.55 -2.76 14.77
CA THR D 102 -11.40 -3.57 14.36
C THR D 102 -11.13 -4.68 15.32
N ARG D 103 -10.58 -5.79 14.80
CA ARG D 103 -10.12 -6.92 15.61
C ARG D 103 -8.71 -7.31 15.16
N GLU D 104 -7.76 -7.37 16.09
CA GLU D 104 -6.45 -7.93 15.82
C GLU D 104 -6.58 -9.45 15.77
N GLY D 105 -6.04 -10.07 14.75
CA GLY D 105 -6.07 -11.51 14.69
C GLY D 105 -5.45 -12.05 13.44
N HIS D 106 -5.30 -13.36 13.41
CA HIS D 106 -4.64 -14.07 12.33
C HIS D 106 -5.53 -15.13 11.73
N ARG D 107 -5.36 -15.32 10.43
CA ARG D 107 -5.88 -16.51 9.76
C ARG D 107 -5.55 -17.75 10.58
N PRO D 108 -6.50 -18.70 10.65
CA PRO D 108 -6.24 -19.93 11.40
C PRO D 108 -5.04 -20.74 10.98
N ASP D 109 -4.61 -20.65 9.70
CA ASP D 109 -3.42 -21.32 9.28
C ASP D 109 -2.14 -20.50 9.52
N LEU D 110 -2.31 -19.31 10.10
CA LEU D 110 -1.21 -18.43 10.48
C LEU D 110 -0.38 -17.94 9.31
N ALA D 111 -0.98 -17.91 8.12
CA ALA D 111 -0.23 -17.46 6.93
C ALA D 111 0.19 -15.99 6.97
N ASP D 112 -0.60 -15.20 7.70
CA ASP D 112 -0.41 -13.76 7.85
C ASP D 112 0.36 -13.38 9.14
N LEU D 113 1.05 -14.34 9.74
CA LEU D 113 1.72 -14.12 11.01
C LEU D 113 3.23 -14.04 10.82
N PRO D 114 3.81 -12.83 11.01
CA PRO D 114 5.27 -12.75 10.95
C PRO D 114 5.97 -13.61 11.99
N ALA D 115 7.11 -14.17 11.59
CA ALA D 115 7.85 -15.04 12.50
C ALA D 115 8.29 -14.36 13.77
N ASN D 116 8.70 -13.09 13.67
CA ASN D 116 9.13 -12.38 14.90
C ASN D 116 7.96 -12.17 15.84
N LYS D 117 6.81 -11.77 15.33
CA LYS D 117 5.62 -11.60 16.14
C LYS D 117 5.28 -12.90 16.87
N ARG D 118 5.29 -13.99 16.14
CA ARG D 118 5.02 -15.30 16.75
C ARG D 118 6.02 -15.61 17.88
N TRP D 119 7.30 -15.47 17.57
CA TRP D 119 8.36 -15.82 18.53
C TRP D 119 8.23 -15.03 19.82
N ARG D 120 7.97 -13.72 19.71
CA ARG D 120 7.84 -12.89 20.90
C ARG D 120 6.69 -13.36 21.78
N SER D 121 5.58 -13.70 21.14
CA SER D 121 4.36 -14.10 21.84
C SER D 121 4.61 -15.42 22.57
N GLN D 122 5.36 -16.30 21.93
CA GLN D 122 5.71 -17.61 22.56
C GLN D 122 6.60 -17.39 23.79
N ARG D 123 7.55 -16.48 23.66
N ARG D 123 7.53 -16.45 23.67
CA ARG D 123 8.53 -16.25 24.70
CA ARG D 123 8.52 -16.17 24.69
C ARG D 123 7.89 -15.74 25.99
C ARG D 123 7.91 -15.71 25.98
N ILE D 124 6.82 -14.97 25.90
CA ILE D 124 6.11 -14.48 27.08
C ILE D 124 4.94 -15.38 27.53
N GLY D 125 4.80 -16.54 26.91
CA GLY D 125 3.76 -17.51 27.32
C GLY D 125 2.37 -17.26 26.81
N ALA D 126 2.22 -16.56 25.68
CA ALA D 126 0.93 -16.30 25.08
C ALA D 126 1.07 -16.43 23.57
N GLY D 127 1.51 -17.61 23.16
CA GLY D 127 1.88 -17.87 21.78
C GLY D 127 0.66 -17.77 20.85
N ILE D 128 0.82 -16.95 19.79
CA ILE D 128 -0.27 -16.78 18.86
C ILE D 128 -0.60 -18.13 18.19
N GLY D 129 -1.88 -18.47 18.20
CA GLY D 129 -2.34 -19.75 17.67
C GLY D 129 -2.33 -20.88 18.68
N ASP D 130 -1.63 -20.70 19.79
CA ASP D 130 -1.56 -21.75 20.85
C ASP D 130 -2.88 -21.75 21.63
N PRO D 131 -3.22 -22.87 22.27
CA PRO D 131 -4.46 -22.90 23.07
C PRO D 131 -4.37 -21.94 24.24
N GLY D 132 -5.43 -21.18 24.43
CA GLY D 132 -5.57 -20.29 25.55
C GLY D 132 -6.92 -20.57 26.24
N PRO D 133 -7.23 -19.78 27.28
CA PRO D 133 -8.44 -19.97 28.06
C PRO D 133 -9.72 -19.79 27.25
N CYS D 134 -9.68 -18.99 26.17
CA CYS D 134 -10.84 -18.74 25.35
C CYS D 134 -10.59 -19.14 23.89
N GLY D 135 -9.77 -20.17 23.67
CA GLY D 135 -9.50 -20.67 22.35
C GLY D 135 -8.09 -20.29 21.92
N ARG D 136 -7.80 -20.49 20.63
CA ARG D 136 -6.45 -20.24 20.13
C ARG D 136 -6.20 -18.71 20.17
N ILE D 137 -5.04 -18.34 20.69
CA ILE D 137 -4.74 -16.97 20.99
C ILE D 137 -4.62 -16.17 19.68
N LEU D 138 -5.30 -15.04 19.64
CA LEU D 138 -5.21 -14.08 18.51
C LEU D 138 -5.55 -14.74 17.18
N THR D 139 -6.42 -15.73 17.19
CA THR D 139 -6.75 -16.51 15.99
C THR D 139 -8.19 -16.21 15.62
N ARG D 140 -8.41 -15.83 14.37
CA ARG D 140 -9.72 -15.51 13.89
C ARG D 140 -10.66 -16.72 14.01
N GLY D 141 -11.88 -16.40 14.38
CA GLY D 141 -12.94 -17.40 14.60
C GLY D 141 -13.03 -17.94 16.00
N GLU D 142 -12.08 -17.61 16.88
CA GLU D 142 -12.04 -18.13 18.26
C GLU D 142 -12.81 -17.23 19.19
N PRO D 143 -13.38 -17.79 20.27
CA PRO D 143 -14.15 -16.95 21.18
C PRO D 143 -13.42 -15.76 21.77
N GLY D 144 -12.20 -15.96 22.19
CA GLY D 144 -11.47 -14.88 22.83
C GLY D 144 -11.12 -13.73 21.86
N TRP D 145 -11.01 -14.09 20.59
CA TRP D 145 -10.71 -13.12 19.56
C TRP D 145 -11.87 -12.17 19.25
N ASP D 146 -13.09 -12.57 19.50
CA ASP D 146 -14.23 -11.75 19.11
C ASP D 146 -14.43 -10.54 20.05
N ILE D 147 -15.11 -9.54 19.52
CA ILE D 147 -15.46 -8.33 20.24
C ILE D 147 -16.38 -8.64 21.43
N ILE D 148 -16.13 -7.94 22.53
CA ILE D 148 -16.93 -8.17 23.73
C ILE D 148 -18.40 -7.84 23.49
N PRO D 149 -19.32 -8.56 24.18
CA PRO D 149 -20.72 -8.33 23.91
C PRO D 149 -21.23 -6.92 24.15
N GLU D 150 -20.66 -6.21 25.11
CA GLU D 150 -21.06 -4.88 25.48
C GLU D 150 -20.84 -3.85 24.39
N LEU D 151 -19.96 -4.15 23.44
CA LEU D 151 -19.60 -3.25 22.34
C LEU D 151 -19.78 -3.94 21.00
N TYR D 152 -20.70 -4.88 20.90
CA TYR D 152 -20.75 -5.74 19.72
C TYR D 152 -21.27 -4.99 18.50
N PRO D 153 -20.70 -5.26 17.32
CA PRO D 153 -21.20 -4.59 16.10
C PRO D 153 -22.64 -4.98 15.74
N ILE D 154 -23.31 -4.10 15.04
CA ILE D 154 -24.59 -4.41 14.42
C ILE D 154 -24.45 -4.32 12.91
N GLU D 155 -25.47 -4.81 12.22
CA GLU D 155 -25.43 -4.80 10.77
C GLU D 155 -25.19 -3.43 10.20
N GLY D 156 -24.33 -3.36 9.17
CA GLY D 156 -23.97 -2.10 8.53
C GLY D 156 -22.76 -1.39 9.11
N GLU D 157 -22.19 -1.99 10.16
CA GLU D 157 -20.97 -1.45 10.77
C GLU D 157 -19.79 -2.29 10.32
N THR D 158 -18.91 -1.70 9.55
CA THR D 158 -17.77 -2.44 9.00
C THR D 158 -16.83 -2.94 10.07
N ILE D 159 -16.45 -4.20 10.01
CA ILE D 159 -15.47 -4.77 10.90
C ILE D 159 -14.19 -5.07 10.09
N ILE D 160 -13.08 -4.52 10.57
CA ILE D 160 -11.78 -4.76 9.97
C ILE D 160 -11.05 -5.82 10.75
N ASP D 161 -10.53 -6.81 10.07
CA ASP D 161 -9.72 -7.85 10.65
C ASP D 161 -8.25 -7.62 10.27
N ALA D 162 -7.45 -7.24 11.27
CA ALA D 162 -6.12 -6.72 11.10
C ALA D 162 -5.06 -7.66 11.61
N PRO D 163 -4.06 -8.01 10.79
CA PRO D 163 -2.96 -8.82 11.28
C PRO D 163 -1.84 -8.06 11.96
N GLY D 164 -1.94 -6.74 11.96
CA GLY D 164 -0.98 -5.88 12.60
C GLY D 164 -1.61 -5.02 13.70
N LYS D 165 -0.76 -4.22 14.30
CA LYS D 165 -1.20 -3.23 15.29
C LYS D 165 -1.87 -2.05 14.67
N GLY D 166 -1.45 -1.64 13.50
CA GLY D 166 -2.15 -0.61 12.77
C GLY D 166 -3.23 -1.24 11.90
N SER D 167 -4.43 -0.69 11.97
CA SER D 167 -5.58 -1.25 11.28
C SER D 167 -5.56 -1.08 9.78
N PHE D 168 -4.68 -0.23 9.25
CA PHE D 168 -4.57 -0.08 7.79
C PHE D 168 -3.74 -1.18 7.13
N CYS D 169 -2.72 -1.67 7.80
CA CYS D 169 -1.75 -2.60 7.20
C CYS D 169 -2.40 -3.89 6.74
N ALA D 170 -2.36 -4.14 5.43
CA ALA D 170 -2.84 -5.43 4.86
C ALA D 170 -4.35 -5.64 5.02
N THR D 171 -5.10 -4.54 5.13
CA THR D 171 -6.55 -4.60 5.23
C THR D 171 -7.19 -3.74 4.13
N ASP D 172 -8.52 -3.78 4.09
CA ASP D 172 -9.32 -2.93 3.21
C ASP D 172 -9.84 -1.66 3.89
N LEU D 173 -9.29 -1.28 5.04
CA LEU D 173 -9.80 -0.12 5.75
C LEU D 173 -9.73 1.14 4.93
N GLU D 174 -8.59 1.39 4.28
CA GLU D 174 -8.49 2.63 3.49
C GLU D 174 -9.47 2.65 2.30
N LEU D 175 -9.60 1.53 1.63
CA LEU D 175 -10.56 1.38 0.51
C LEU D 175 -11.96 1.69 0.98
N VAL D 176 -12.33 1.16 2.14
CA VAL D 176 -13.67 1.37 2.70
C VAL D 176 -13.84 2.84 3.09
N LEU D 177 -12.88 3.42 3.77
CA LEU D 177 -12.99 4.85 4.13
C LEU D 177 -13.13 5.74 2.89
N ASN D 178 -12.40 5.41 1.83
CA ASN D 178 -12.47 6.17 0.58
C ASN D 178 -13.86 6.03 -0.03
N GLN D 179 -14.43 4.83 -0.08
CA GLN D 179 -15.77 4.69 -0.72
C GLN D 179 -16.87 5.35 0.13
N LYS D 180 -16.68 5.37 1.44
CA LYS D 180 -17.63 6.03 2.36
C LYS D 180 -17.42 7.54 2.39
N ARG D 181 -16.36 8.06 1.78
CA ARG D 181 -16.02 9.48 1.77
C ARG D 181 -15.84 10.02 3.18
N ILE D 182 -15.18 9.24 4.02
CA ILE D 182 -14.93 9.62 5.39
C ILE D 182 -13.73 10.56 5.43
N GLU D 183 -13.88 11.67 6.13
N GLU D 183 -13.88 11.70 6.09
CA GLU D 183 -12.81 12.65 6.33
CA GLU D 183 -12.78 12.62 6.33
C GLU D 183 -12.30 12.71 7.77
C GLU D 183 -12.31 12.69 7.76
N ASN D 184 -13.19 12.44 8.71
CA ASN D 184 -12.93 12.58 10.15
C ASN D 184 -13.07 11.23 10.82
N ILE D 185 -12.14 10.91 11.72
CA ILE D 185 -12.20 9.68 12.46
C ILE D 185 -12.07 9.96 13.95
N ILE D 186 -12.96 9.35 14.73
CA ILE D 186 -12.91 9.44 16.19
C ILE D 186 -12.44 8.09 16.68
N LEU D 187 -11.29 8.08 17.37
CA LEU D 187 -10.65 6.85 17.79
C LEU D 187 -10.90 6.52 19.25
N THR D 188 -11.22 5.26 19.45
CA THR D 188 -11.46 4.68 20.78
C THR D 188 -10.91 3.27 20.75
N GLY D 189 -10.72 2.69 21.94
CA GLY D 189 -10.35 1.28 22.04
C GLY D 189 -9.04 1.06 22.72
N ILE D 190 -8.42 -0.09 22.47
CA ILE D 190 -7.23 -0.48 23.20
C ILE D 190 -6.19 -1.08 22.26
N THR D 191 -4.92 -1.11 22.65
CA THR D 191 -4.38 -0.27 23.73
C THR D 191 -3.96 1.10 23.18
N THR D 192 -3.95 2.10 24.04
CA THR D 192 -3.72 3.47 23.64
C THR D 192 -2.40 3.63 22.89
N ASP D 193 -1.35 3.01 23.42
CA ASP D 193 -0.01 3.19 22.92
C ASP D 193 0.36 2.24 21.80
N VAL D 194 -0.40 1.17 21.61
CA VAL D 194 -0.06 0.15 20.59
C VAL D 194 -1.03 0.29 19.43
N CYS D 195 -2.20 -0.34 19.47
CA CYS D 195 -3.06 -0.37 18.30
C CYS D 195 -3.73 0.98 18.03
N VAL D 196 -4.17 1.70 19.06
CA VAL D 196 -4.89 2.95 18.81
C VAL D 196 -3.90 3.96 18.25
N SER D 197 -2.76 4.15 18.89
CA SER D 197 -1.76 5.13 18.39
C SER D 197 -1.30 4.77 16.98
N THR D 198 -1.03 3.50 16.75
CA THR D 198 -0.55 3.11 15.40
C THR D 198 -1.60 3.43 14.33
N THR D 199 -2.85 3.08 14.57
CA THR D 199 -3.89 3.37 13.61
C THR D 199 -4.10 4.88 13.40
N MET D 200 -4.01 5.64 14.49
CA MET D 200 -4.14 7.11 14.39
C MET D 200 -3.03 7.70 13.52
N ARG D 201 -1.82 7.20 13.72
CA ARG D 201 -0.67 7.69 12.98
C ARG D 201 -0.83 7.36 11.49
N GLU D 202 -1.28 6.15 11.19
CA GLU D 202 -1.49 5.73 9.78
C GLU D 202 -2.55 6.62 9.12
N ALA D 203 -3.66 6.83 9.81
CA ALA D 203 -4.76 7.60 9.27
C ALA D 203 -4.31 9.04 9.05
N ASN D 204 -3.65 9.60 10.05
CA ASN D 204 -3.21 10.98 9.97
C ASN D 204 -2.26 11.23 8.80
N ASP D 205 -1.35 10.29 8.55
CA ASP D 205 -0.42 10.45 7.44
C ASP D 205 -1.09 10.54 6.10
N ARG D 206 -2.24 9.87 5.97
CA ARG D 206 -2.99 9.81 4.74
C ARG D 206 -3.94 11.01 4.59
N GLY D 207 -4.05 11.84 5.61
CA GLY D 207 -4.83 13.06 5.56
C GLY D 207 -6.12 13.05 6.35
N TYR D 208 -6.47 11.92 6.95
CA TYR D 208 -7.65 11.88 7.82
C TYR D 208 -7.45 12.78 9.03
N GLU D 209 -8.56 13.35 9.49
CA GLU D 209 -8.57 14.26 10.64
C GLU D 209 -9.09 13.47 11.85
N CYS D 210 -8.25 13.28 12.83
CA CYS D 210 -8.47 12.30 13.88
C CYS D 210 -8.59 12.93 15.27
N LEU D 211 -9.56 12.43 16.03
CA LEU D 211 -9.81 12.81 17.42
C LEU D 211 -9.65 11.58 18.28
N LEU D 212 -8.78 11.65 19.27
CA LEU D 212 -8.61 10.57 20.23
C LEU D 212 -9.43 10.92 21.47
N LEU D 213 -10.29 10.00 21.90
CA LEU D 213 -11.08 10.21 23.15
C LEU D 213 -10.31 9.57 24.30
N GLU D 214 -9.74 10.40 25.17
CA GLU D 214 -8.80 9.89 26.19
C GLU D 214 -9.43 8.99 27.21
N ASP D 215 -10.71 9.17 27.53
CA ASP D 215 -11.41 8.26 28.47
C ASP D 215 -11.98 7.01 27.84
N CYS D 216 -11.83 6.90 26.50
CA CYS D 216 -12.33 5.80 25.74
C CYS D 216 -11.19 4.93 25.20
N CYS D 217 -10.00 5.12 25.77
N CYS D 217 -10.00 5.11 25.78
CA CYS D 217 -8.86 4.24 25.48
CA CYS D 217 -8.92 4.17 25.50
C CYS D 217 -8.19 3.88 26.79
C CYS D 217 -8.23 3.82 26.80
N GLY D 218 -7.37 2.83 26.74
CA GLY D 218 -6.55 2.46 27.89
C GLY D 218 -5.42 1.54 27.45
N ALA D 219 -4.44 1.37 28.31
CA ALA D 219 -3.31 0.55 28.04
C ALA D 219 -2.91 -0.30 29.22
N THR D 220 -1.96 -1.17 28.99
CA THR D 220 -1.40 -2.06 30.00
C THR D 220 -0.61 -1.30 31.10
N ASP D 221 -0.13 -0.11 30.75
CA ASP D 221 0.68 0.71 31.59
C ASP D 221 0.08 2.10 31.48
N TYR D 222 -0.40 2.65 32.59
CA TYR D 222 -1.08 3.92 32.61
C TYR D 222 -0.16 5.05 32.14
N GLY D 223 1.12 5.01 32.49
CA GLY D 223 2.07 6.01 32.05
C GLY D 223 2.17 6.05 30.53
N ASN D 224 2.20 4.85 29.91
CA ASN D 224 2.28 4.77 28.45
C ASN D 224 0.98 5.30 27.82
N HIS D 225 -0.16 5.05 28.44
CA HIS D 225 -1.44 5.62 28.00
C HIS D 225 -1.35 7.16 28.01
N LEU D 226 -0.93 7.73 29.14
CA LEU D 226 -0.86 9.17 29.25
C LEU D 226 0.11 9.76 28.24
N ALA D 227 1.25 9.09 28.05
CA ALA D 227 2.26 9.61 27.12
C ALA D 227 1.79 9.55 25.69
N ALA D 228 1.10 8.47 25.34
CA ALA D 228 0.58 8.35 23.95
C ALA D 228 -0.38 9.46 23.63
N ILE D 229 -1.19 9.80 24.60
CA ILE D 229 -2.10 10.97 24.49
C ILE D 229 -1.35 12.28 24.34
N LYS D 230 -0.36 12.51 25.20
CA LYS D 230 0.43 13.73 25.12
C LYS D 230 1.11 13.87 23.75
N MET D 231 1.60 12.73 23.21
CA MET D 231 2.26 12.78 21.91
C MET D 231 1.40 13.32 20.79
N VAL D 232 0.11 13.07 20.86
CA VAL D 232 -0.82 13.58 19.84
C VAL D 232 -0.80 15.12 19.79
N LYS D 233 -0.69 15.73 20.96
CA LYS D 233 -0.94 17.16 21.11
C LYS D 233 0.22 18.07 20.75
N MET D 234 1.43 17.52 20.68
CA MET D 234 2.60 18.31 20.45
C MET D 234 2.61 18.96 19.06
N GLN D 235 3.41 19.99 18.87
CA GLN D 235 3.58 20.62 17.54
C GLN D 235 2.25 21.04 16.94
N GLY D 236 1.36 21.57 17.75
CA GLY D 236 0.07 22.02 17.25
C GLY D 236 -0.91 20.92 16.88
N GLY D 237 -0.73 19.74 17.46
CA GLY D 237 -1.62 18.60 17.21
C GLY D 237 -1.08 17.74 16.09
N VAL D 238 0.14 17.26 16.27
CA VAL D 238 0.87 16.58 15.20
C VAL D 238 0.10 15.38 14.64
N PHE D 239 -0.65 14.67 15.48
CA PHE D 239 -1.46 13.53 15.02
C PHE D 239 -2.95 13.76 15.02
N GLY D 240 -3.39 14.97 15.42
CA GLY D 240 -4.81 15.28 15.55
C GLY D 240 -5.03 15.98 16.89
N SER D 241 -6.18 15.73 17.47
CA SER D 241 -6.57 16.42 18.71
C SER D 241 -7.16 15.40 19.67
N VAL D 242 -7.36 15.81 20.93
CA VAL D 242 -7.75 14.90 22.00
C VAL D 242 -8.95 15.48 22.75
N SER D 243 -9.94 14.66 23.01
CA SER D 243 -11.10 15.09 23.79
C SER D 243 -11.59 13.98 24.66
N ASN D 244 -12.83 14.03 25.11
CA ASN D 244 -13.38 13.01 25.99
C ASN D 244 -14.82 12.75 25.62
N SER D 245 -15.34 11.64 26.12
CA SER D 245 -16.69 11.18 25.76
C SER D 245 -17.76 12.23 26.10
N ALA D 246 -17.63 12.88 27.25
CA ALA D 246 -18.68 13.86 27.62
C ALA D 246 -18.71 15.02 26.66
N ALA D 247 -17.55 15.55 26.31
CA ALA D 247 -17.45 16.67 25.40
C ALA D 247 -17.94 16.30 24.01
N LEU D 248 -17.63 15.08 23.58
CA LEU D 248 -18.10 14.60 22.29
C LEU D 248 -19.62 14.47 22.23
N VAL D 249 -20.19 13.77 23.20
CA VAL D 249 -21.62 13.50 23.19
C VAL D 249 -22.37 14.83 23.32
N GLU D 250 -21.84 15.76 24.10
CA GLU D 250 -22.55 17.04 24.31
C GLU D 250 -22.65 17.87 23.04
N ALA D 251 -21.60 17.87 22.21
CA ALA D 251 -21.51 18.73 21.06
C ALA D 251 -21.69 18.05 19.71
N LEU D 252 -21.90 16.74 19.71
CA LEU D 252 -22.02 16.02 18.42
C LEU D 252 -23.26 16.50 17.65
N PRO D 253 -23.11 16.94 16.40
CA PRO D 253 -24.31 17.38 15.66
C PRO D 253 -25.27 16.24 15.27
C1 BTB E . 11.17 -9.09 6.46
C1 BTB E . 11.00 -9.21 6.73
O1 BTB E . 12.20 -10.06 6.37
O1 BTB E . 11.89 -10.29 6.95
C2 BTB E . 10.07 -9.45 5.48
C2 BTB E . 10.05 -9.51 5.59
C3 BTB E . 9.32 -10.70 5.94
C3 BTB E . 9.23 -10.76 5.93
O3 BTB E . 8.73 -10.47 7.20
O3 BTB E . 8.67 -10.58 7.22
C4 BTB E . 9.10 -8.27 5.46
C4 BTB E . 9.13 -8.31 5.46
O4 BTB E . 8.20 -8.41 4.42
O4 BTB E . 8.25 -8.48 4.38
N BTB E . 10.77 -9.70 4.21
N BTB E . 10.88 -9.70 4.37
C5 BTB E . 11.28 -8.42 3.69
C5 BTB E . 11.27 -8.34 4.00
C6 BTB E . 12.46 -8.66 2.71
C6 BTB E . 12.03 -8.31 2.67
O6 BTB E . 13.50 -9.32 3.34
O6 BTB E . 11.05 -8.57 1.70
C7 BTB E . 9.97 -10.34 3.15
C7 BTB E . 10.13 -10.25 3.25
C8 BTB E . 10.44 -11.76 2.89
C8 BTB E . 10.62 -11.64 2.96
O8 BTB E . 11.56 -12.11 3.66
O8 BTB E . 9.60 -12.23 2.24
C1 GOL F . 2.56 -4.37 1.67
O1 GOL F . 2.64 -3.01 2.18
C2 GOL F . 2.42 -5.41 2.83
O2 GOL F . 3.64 -5.55 3.62
C3 GOL F . 1.31 -4.91 3.75
O3 GOL F . 0.07 -4.80 3.02
CL CL G . 24.12 -19.90 12.03
C1 BTB H . 11.54 -9.42 -4.10
C1 BTB H . 11.60 -9.35 -4.07
O1 BTB H . 11.51 -8.91 -5.44
O1 BTB H . 11.59 -8.99 -5.44
C2 BTB H . 10.28 -10.20 -3.72
C2 BTB H . 10.38 -10.20 -3.75
C3 BTB H . 9.06 -9.29 -3.83
C3 BTB H . 9.11 -9.35 -3.77
O3 BTB H . 9.12 -8.29 -2.81
O3 BTB H . 9.13 -8.37 -2.76
C4 BTB H . 10.07 -11.34 -4.69
C4 BTB H . 10.23 -11.29 -4.80
O4 BTB H . 11.04 -12.26 -4.35
O4 BTB H . 11.43 -11.96 -4.93
N BTB H . 10.45 -10.77 -2.36
N BTB H . 10.55 -10.85 -2.44
C5 BTB H . 11.04 -9.79 -1.41
C5 BTB H . 10.91 -9.86 -1.40
C6 BTB H . 12.16 -10.38 -0.54
C6 BTB H . 12.16 -10.30 -0.63
O6 BTB H . 12.72 -11.50 -1.19
O6 BTB H . 13.13 -10.75 -1.55
C7 BTB H . 9.14 -11.28 -1.87
C7 BTB H . 9.28 -11.49 -2.11
C8 BTB H . 9.25 -12.31 -0.73
C8 BTB H . 9.22 -11.86 -0.63
O8 BTB H . 10.14 -13.30 -1.12
O8 BTB H . 9.26 -10.66 0.11
C01 C5S I . -15.10 -13.15 -14.53
C02 C5S I . -14.49 -11.99 -13.61
C03 C5S I . -14.19 -10.87 -14.54
O04 C5S I . -14.24 -9.67 -14.11
O05 C5S I . -13.90 -11.15 -15.66
N06 C5S I . -13.26 -11.84 -12.62
C07 C5S I . -11.75 -11.64 -12.84
O08 C5S I . -11.46 -11.62 -14.06
C09 C5S I . -16.14 -13.08 -15.67
O10 C5S I . -16.94 -12.09 -15.93
O11 C5S I . -16.31 -14.13 -16.43
C1 BTB J . -13.37 6.99 -4.26
C1 BTB J . -13.38 6.95 -4.25
O1 BTB J . -13.66 5.89 -5.11
O1 BTB J . -13.70 5.88 -5.13
C2 BTB J . -12.16 7.74 -4.80
C2 BTB J . -12.20 7.71 -4.80
C3 BTB J . -10.98 6.78 -4.83
C3 BTB J . -10.99 6.77 -4.82
O3 BTB J . -10.52 6.56 -3.52
O3 BTB J . -10.51 6.56 -3.52
C4 BTB J . -12.44 8.17 -6.22
C4 BTB J . -12.48 8.13 -6.23
O4 BTB J . -13.44 9.15 -6.21
O4 BTB J . -13.44 9.15 -6.20
N BTB J . -11.88 8.91 -3.95
N BTB J . -11.93 8.90 -3.97
C5 BTB J . -10.60 9.55 -4.37
C5 BTB J . -10.87 9.65 -4.64
C6 BTB J . -10.41 11.05 -3.95
C6 BTB J . -10.22 10.79 -3.79
O6 BTB J . -11.37 11.84 -4.59
O6 BTB J . -9.95 10.25 -2.53
C7 BTB J . -13.04 9.80 -3.95
C7 BTB J . -13.16 9.69 -3.86
C8 BTB J . -13.56 10.09 -2.53
C8 BTB J . -13.40 10.00 -2.39
O8 BTB J . -12.88 9.27 -1.59
O8 BTB J . -12.52 9.18 -1.65
C1 GOL K . -5.10 2.19 -0.73
O1 GOL K . -4.15 1.87 -1.83
C2 GOL K . -6.51 1.66 -1.07
O2 GOL K . -7.16 2.43 -2.15
C3 GOL K . -6.42 0.19 -1.44
O3 GOL K . -5.82 -0.54 -0.35
C1 BTB L . -8.03 13.24 2.09
C1 BTB L . -7.98 13.23 2.06
O1 BTB L . -7.06 13.76 3.00
O1 BTB L . -7.00 13.71 2.97
C2 BTB L . -8.76 12.03 2.69
C2 BTB L . -8.75 12.07 2.69
C3 BTB L . -7.69 10.97 2.91
C3 BTB L . -7.76 10.92 2.88
O3 BTB L . -7.35 10.40 1.64
O3 BTB L . -7.38 10.37 1.64
C4 BTB L . -9.31 12.37 4.07
C4 BTB L . -9.20 12.42 4.09
O4 BTB L . -10.31 13.31 3.87
O4 BTB L . -10.13 13.43 4.04
N BTB L . -9.88 11.58 1.79
N BTB L . -9.93 11.70 1.86
C5 BTB L . -9.40 11.47 0.39
C5 BTB L . -9.55 11.41 0.46
C6 BTB L . -10.25 12.27 -0.62
C6 BTB L . -10.36 12.23 -0.55
O6 BTB L . -11.03 13.21 0.07
O6 BTB L . -10.83 13.42 0.05
C7 BTB L . -10.44 10.29 2.27
C7 BTB L . -10.55 10.53 2.49
C8 BTB L . -11.86 10.02 1.72
C8 BTB L . -11.57 9.82 1.60
O8 BTB L . -12.71 11.04 2.19
O8 BTB L . -10.94 9.39 0.44
C01 C5S M . -4.09 -5.60 23.59
C02 C5S M . -3.34 -5.46 22.21
C03 C5S M . -2.10 -4.69 22.47
O04 C5S M . -1.99 -4.04 23.40
O05 C5S M . -1.16 -4.61 21.66
N06 C5S M . -3.83 -4.89 20.85
C07 C5S M . -3.63 -3.48 20.18
O08 C5S M . -3.08 -2.67 20.97
C09 C5S M . -3.40 -5.98 24.93
O10 C5S M . -4.01 -5.74 26.05
O11 C5S M . -2.28 -6.58 25.03
C1 PEG N . -7.33 5.54 35.00
O1 PEG N . -8.47 4.86 34.48
C2 PEG N . -6.82 4.87 36.27
O2 PEG N . -5.76 5.61 36.86
C3 PEG N . -6.20 6.29 38.04
C4 PEG N . -5.12 7.12 38.71
O4 PEG N . -5.67 8.42 38.99
C1 GOL O . -0.74 6.46 0.63
O1 GOL O . 0.14 5.82 -0.30
C2 GOL O . -2.17 6.48 0.09
O2 GOL O . -3.05 7.08 1.07
C3 GOL O . -2.59 5.06 -0.29
O3 GOL O . -2.44 4.12 0.80
#